data_7TCG
#
_entry.id   7TCG
#
_cell.length_a   1.00
_cell.length_b   1.00
_cell.length_c   1.00
_cell.angle_alpha   90.00
_cell.angle_beta   90.00
_cell.angle_gamma   90.00
#
_symmetry.space_group_name_H-M   'P 1'
#
loop_
_entity.id
_entity.type
_entity.pdbx_description
1 polymer 'Bacitracin export permease protein BceB'
2 polymer 'Bacitracin export ATP-binding protein BceA'
3 non-polymer 4-amino-4-deoxy-1-O-[(S)-hydroxy{[(2E,6E,10Z,14Z,18Z,22E,26E,30E)-3,7,11,15,19,23,27,31,35-nonamethylhexatriaconta-2,6,10,14,18,22,26,30,34-nonaen-1-yl]oxy}phosphoryl]-alpha-L-arabinopyranose
#
loop_
_entity_poly.entity_id
_entity_poly.type
_entity_poly.pdbx_seq_one_letter_code
_entity_poly.pdbx_strand_id
1 'polypeptide(L)'
;MNINQLILRNLKKNLRNYYLYVFALIFSVALYFAFVTLQYDPAINEVKASIKGAAAIKTASILLVAVVAIFILYANTIFI
KRRSKEIGLFQLIGMTKHKIFRILSAENVMLYFGSLAIGVAAGFSISKLVLMILFKIVDVKADAKLHFSEQALVQTVIVF
CGIYLLIMIMNYTFIKKQSILSLFKVTSSTEDKVKKISFFQMLIGALGIVLILTGYYVSSELFGGKFKTINELFVAMSFI
LGSVIIGTFLFYKGSVTFISNIIRKSKGGYLNISEVLSLSSIMFRMKSNALLLTIITTVSALAIGLLSLAYISYYSSEKT
AEQNVAADFSFMNEKDAKLFENKLRESNISFVKKATPVLQANVDIANIMDGTPKEMQGDPGNMQLAVVSDKDVKGVDVAA
GEAVFSGYTDLLQKIMVFKDSGVIKVKSKHETQPLKYKGLREEFLVSYTFTSGGMPAVIVDDSLFKQLDKDKDPRIQLAQ
STFIGVNVKHDDQMEKANELFQQVNKKNEHLSRLDTSAAQKSLFGMVMFIVGFLGLTFLITSGCILYFKQMGESEDEKPS
YTILRKLGFTQGDLIKGIRIKQMYNFGIPLVVGLFHSYFAVQSGWFLFGSEVWAPMIMVMVLYTALYSIFGFLSVLYYKK
VIKSSL
;
A
2 'polypeptide(L)'
;MSGHHHHHHVILEANKIRKSYGNKLNKQEVLKGIDIHIEKGEFVSIMGASGSGKTTLLNVLSSIDQVSHGTIHINGNDMT
AMKEKQLAEFRKQHLGFIFQDYNLLDTLTVKENILLPLSITKLSKKEANRKFEEVAKELGIYELRDKYPNEISGGQKQRT
SAGRAFIHDPSIIFADEPTGALDSKSASDLLNKLSQLNQKRNATIIMVTHDPVAASYCGRVIFIKDGQMYTQLNKGGQDR
QTFFQDIMKTQGVLGGVQHEH
;
B,C
#
# COMPACT_ATOMS: atom_id res chain seq x y z
N ASN A 2 1.00 35.59 -14.59
CA ASN A 2 1.16 34.86 -13.33
C ASN A 2 0.65 33.43 -13.47
N ILE A 3 -0.30 33.23 -14.38
CA ILE A 3 -0.87 31.91 -14.60
C ILE A 3 0.18 30.98 -15.22
N ASN A 4 0.97 31.49 -16.15
CA ASN A 4 1.96 30.66 -16.84
C ASN A 4 2.99 30.10 -15.87
N GLN A 5 3.46 30.93 -14.93
CA GLN A 5 4.43 30.45 -13.95
C GLN A 5 3.82 29.35 -13.08
N LEU A 6 2.56 29.52 -12.67
CA LEU A 6 1.91 28.50 -11.86
C LEU A 6 1.77 27.19 -12.63
N ILE A 7 1.38 27.27 -13.91
CA ILE A 7 1.24 26.06 -14.71
C ILE A 7 2.58 25.36 -14.88
N LEU A 8 3.63 26.13 -15.18
CA LEU A 8 4.96 25.54 -15.35
C LEU A 8 5.45 24.89 -14.08
N ARG A 9 5.23 25.55 -12.93
CA ARG A 9 5.67 24.98 -11.66
C ARG A 9 4.90 23.70 -11.35
N ASN A 10 3.59 23.68 -11.61
CA ASN A 10 2.80 22.48 -11.38
C ASN A 10 3.27 21.34 -12.27
N LEU A 11 3.57 21.63 -13.54
CA LEU A 11 4.07 20.60 -14.44
C LEU A 11 5.41 20.05 -13.97
N LYS A 12 6.31 20.93 -13.53
CA LYS A 12 7.60 20.48 -13.04
C LYS A 12 7.45 19.62 -11.79
N LYS A 13 6.55 20.01 -10.89
CA LYS A 13 6.33 19.22 -9.68
C LYS A 13 5.73 17.86 -10.00
N ASN A 14 4.79 17.81 -10.94
CA ASN A 14 4.15 16.54 -11.28
C ASN A 14 5.04 15.63 -12.12
N LEU A 15 6.02 16.17 -12.83
CA LEU A 15 6.95 15.33 -13.57
C LEU A 15 7.93 14.59 -12.68
N ARG A 16 7.98 14.92 -11.39
CA ARG A 16 8.91 14.29 -10.44
C ARG A 16 8.22 13.31 -9.51
N ASN A 17 7.02 13.62 -9.02
CA ASN A 17 6.32 12.70 -8.14
C ASN A 17 5.83 11.47 -8.91
N TYR A 18 5.28 11.68 -10.10
CA TYR A 18 4.74 10.60 -10.92
C TYR A 18 5.58 10.48 -12.19
N TYR A 19 6.59 9.60 -12.14
CA TYR A 19 7.36 9.24 -13.32
C TYR A 19 7.08 7.84 -13.82
N LEU A 20 6.70 6.92 -12.92
CA LEU A 20 6.28 5.59 -13.36
C LEU A 20 5.06 5.66 -14.26
N TYR A 21 4.21 6.66 -14.07
CA TYR A 21 3.06 6.86 -14.95
C TYR A 21 3.52 7.14 -16.38
N VAL A 22 4.49 8.06 -16.53
CA VAL A 22 5.02 8.38 -17.85
C VAL A 22 5.70 7.16 -18.46
N PHE A 23 6.46 6.42 -17.64
CA PHE A 23 7.12 5.22 -18.15
C PHE A 23 6.12 4.19 -18.65
N ALA A 24 5.03 3.99 -17.89
CA ALA A 24 4.00 3.04 -18.31
C ALA A 24 3.32 3.50 -19.60
N LEU A 25 3.04 4.80 -19.71
CA LEU A 25 2.45 5.31 -20.95
C LEU A 25 3.35 5.04 -22.14
N ILE A 26 4.64 5.34 -22.01
CA ILE A 26 5.57 5.16 -23.12
C ILE A 26 5.65 3.68 -23.50
N PHE A 27 5.76 2.81 -22.49
CA PHE A 27 5.86 1.38 -22.75
C PHE A 27 4.62 0.85 -23.46
N SER A 28 3.43 1.24 -22.99
CA SER A 28 2.20 0.77 -23.60
C SER A 28 2.07 1.25 -25.03
N VAL A 29 2.38 2.53 -25.28
CA VAL A 29 2.27 3.06 -26.63
C VAL A 29 3.22 2.33 -27.57
N ALA A 30 4.46 2.11 -27.11
CA ALA A 30 5.44 1.41 -27.96
C ALA A 30 4.99 0.00 -28.28
N LEU A 31 4.48 -0.73 -27.27
CA LEU A 31 4.03 -2.10 -27.52
C LEU A 31 2.84 -2.15 -28.46
N TYR A 32 1.88 -1.24 -28.30
CA TYR A 32 0.72 -1.26 -29.19
C TYR A 32 1.14 -0.94 -30.63
N PHE A 33 2.00 0.06 -30.81
CA PHE A 33 2.47 0.37 -32.15
C PHE A 33 3.22 -0.80 -32.77
N ALA A 34 4.06 -1.47 -31.98
CA ALA A 34 4.81 -2.61 -32.49
C ALA A 34 3.88 -3.75 -32.89
N PHE A 35 2.86 -4.04 -32.07
CA PHE A 35 1.94 -5.11 -32.41
C PHE A 35 1.13 -4.79 -33.67
N VAL A 36 0.66 -3.55 -33.82
CA VAL A 36 -0.09 -3.21 -35.01
C VAL A 36 0.79 -3.31 -36.26
N THR A 37 2.02 -2.79 -36.18
CA THR A 37 2.94 -2.91 -37.31
C THR A 37 3.22 -4.37 -37.64
N LEU A 38 3.38 -5.21 -36.62
CA LEU A 38 3.60 -6.64 -36.84
C LEU A 38 2.41 -7.28 -37.54
N GLN A 39 1.19 -6.93 -37.12
CA GLN A 39 0.00 -7.54 -37.72
C GLN A 39 -0.17 -7.12 -39.17
N TYR A 40 -0.02 -5.83 -39.46
CA TYR A 40 -0.28 -5.36 -40.82
C TYR A 40 0.86 -5.64 -41.79
N ASP A 41 2.03 -6.02 -41.30
CA ASP A 41 3.14 -6.25 -42.22
C ASP A 41 2.98 -7.59 -42.94
N PRO A 42 3.33 -7.65 -44.23
CA PRO A 42 3.27 -8.92 -44.97
C PRO A 42 4.57 -9.71 -44.89
N ALA A 43 4.97 -10.05 -43.66
CA ALA A 43 6.19 -10.82 -43.44
C ALA A 43 6.03 -11.97 -42.46
N ILE A 44 4.93 -12.04 -41.72
CA ILE A 44 4.74 -13.08 -40.72
C ILE A 44 4.13 -14.32 -41.36
N ASN A 45 4.05 -14.33 -42.68
CA ASN A 45 3.50 -15.47 -43.40
C ASN A 45 4.37 -16.72 -43.29
N GLU A 46 5.61 -16.59 -42.84
CA GLU A 46 6.49 -17.73 -42.70
C GLU A 46 6.27 -18.51 -41.41
N VAL A 47 5.47 -17.98 -40.49
CA VAL A 47 5.18 -18.63 -39.21
C VAL A 47 3.74 -19.11 -39.27
N LYS A 48 3.54 -20.41 -39.42
CA LYS A 48 2.20 -20.99 -39.45
C LYS A 48 2.28 -22.44 -39.02
N ALA A 49 1.54 -22.80 -37.96
CA ALA A 49 1.44 -24.19 -37.54
C ALA A 49 0.01 -24.71 -37.65
N SER A 50 -0.94 -24.09 -36.95
CA SER A 50 -2.36 -24.43 -37.05
C SER A 50 -3.23 -23.21 -37.24
N ILE A 51 -2.90 -22.09 -36.61
CA ILE A 51 -3.64 -20.86 -36.74
C ILE A 51 -2.92 -19.96 -37.73
N LYS A 52 -3.66 -19.00 -38.30
CA LYS A 52 -3.10 -18.15 -39.34
C LYS A 52 -1.98 -17.27 -38.80
N GLY A 53 -2.13 -16.78 -37.58
CA GLY A 53 -1.13 -15.88 -37.01
C GLY A 53 -1.43 -14.42 -37.22
N ALA A 54 -1.81 -14.05 -38.44
CA ALA A 54 -2.21 -12.67 -38.72
C ALA A 54 -3.52 -12.29 -38.06
N ALA A 55 -4.29 -13.26 -37.59
CA ALA A 55 -5.51 -12.99 -36.83
C ALA A 55 -5.31 -13.10 -35.33
N ALA A 56 -4.33 -13.89 -34.88
CA ALA A 56 -4.04 -13.97 -33.46
C ALA A 56 -3.53 -12.63 -32.94
N ILE A 57 -2.69 -11.95 -33.72
CA ILE A 57 -2.21 -10.63 -33.32
C ILE A 57 -3.35 -9.63 -33.26
N LYS A 58 -4.34 -9.78 -34.15
CA LYS A 58 -5.51 -8.91 -34.10
C LYS A 58 -6.24 -9.03 -32.77
N THR A 59 -6.37 -10.27 -32.26
CA THR A 59 -7.00 -10.45 -30.96
C THR A 59 -6.11 -9.97 -29.84
N ALA A 60 -4.80 -10.20 -29.93
CA ALA A 60 -3.88 -9.77 -28.89
C ALA A 60 -3.73 -8.25 -28.82
N SER A 61 -4.08 -7.54 -29.89
CA SER A 61 -4.02 -6.08 -29.89
C SER A 61 -5.26 -5.43 -29.30
N ILE A 62 -6.26 -6.23 -28.90
CA ILE A 62 -7.47 -5.70 -28.29
C ILE A 62 -7.43 -5.81 -26.78
N LEU A 63 -6.96 -6.95 -26.25
CA LEU A 63 -6.85 -7.10 -24.80
C LEU A 63 -5.83 -6.11 -24.22
N LEU A 64 -4.76 -5.82 -24.96
CA LEU A 64 -3.79 -4.84 -24.50
C LEU A 64 -4.44 -3.47 -24.32
N VAL A 65 -5.27 -3.06 -25.28
CA VAL A 65 -5.98 -1.79 -25.16
C VAL A 65 -6.98 -1.85 -24.00
N ALA A 66 -7.69 -2.98 -23.87
CA ALA A 66 -8.66 -3.12 -22.79
C ALA A 66 -8.01 -3.05 -21.42
N VAL A 67 -6.75 -3.43 -21.30
CA VAL A 67 -6.02 -3.31 -20.05
C VAL A 67 -5.46 -1.91 -19.85
N VAL A 68 -4.86 -1.34 -20.89
CA VAL A 68 -4.22 -0.03 -20.78
C VAL A 68 -5.27 1.06 -20.50
N ALA A 69 -6.41 1.00 -21.18
CA ALA A 69 -7.44 2.01 -20.96
C ALA A 69 -7.98 1.95 -19.53
N ILE A 70 -8.19 0.74 -19.01
CA ILE A 70 -8.64 0.60 -17.62
C ILE A 70 -7.59 1.16 -16.67
N PHE A 71 -6.32 0.84 -16.91
CA PHE A 71 -5.26 1.35 -16.06
C PHE A 71 -5.24 2.87 -16.05
N ILE A 72 -5.34 3.48 -17.24
CA ILE A 72 -5.27 4.94 -17.32
C ILE A 72 -6.48 5.57 -16.63
N LEU A 73 -7.67 5.08 -16.94
CA LEU A 73 -8.89 5.66 -16.38
C LEU A 73 -8.99 5.44 -14.88
N TYR A 74 -8.30 4.45 -14.33
CA TYR A 74 -8.31 4.30 -12.87
C TYR A 74 -7.21 5.12 -12.21
N ALA A 75 -5.99 5.05 -12.73
CA ALA A 75 -4.87 5.77 -12.13
C ALA A 75 -4.96 7.27 -12.33
N ASN A 76 -5.85 7.75 -13.20
CA ASN A 76 -6.06 9.18 -13.33
C ASN A 76 -7.26 9.65 -12.50
N THR A 77 -7.61 8.88 -11.47
CA THR A 77 -8.59 9.27 -10.46
C THR A 77 -7.96 9.60 -9.13
N ILE A 78 -6.95 8.83 -8.71
CA ILE A 78 -6.19 9.17 -7.51
C ILE A 78 -5.54 10.54 -7.66
N PHE A 79 -5.05 10.85 -8.86
CA PHE A 79 -4.38 12.12 -9.08
C PHE A 79 -5.34 13.29 -8.85
N ILE A 80 -6.58 13.17 -9.32
CA ILE A 80 -7.54 14.24 -9.13
C ILE A 80 -8.15 14.23 -7.74
N LYS A 81 -8.11 13.09 -7.04
CA LYS A 81 -8.58 13.07 -5.66
C LYS A 81 -7.57 13.68 -4.70
N ARG A 82 -6.26 13.56 -5.01
CA ARG A 82 -5.24 14.15 -4.15
C ARG A 82 -5.23 15.67 -4.23
N ARG A 83 -5.91 16.27 -5.21
CA ARG A 83 -6.06 17.72 -5.30
C ARG A 83 -7.34 18.20 -4.63
N SER A 84 -7.85 17.45 -3.65
CA SER A 84 -9.12 17.82 -3.03
C SER A 84 -9.01 19.13 -2.26
N LYS A 85 -7.94 19.29 -1.48
CA LYS A 85 -7.76 20.53 -0.72
C LYS A 85 -6.93 21.54 -1.51
N GLU A 86 -7.30 21.71 -2.78
CA GLU A 86 -6.70 22.74 -3.63
C GLU A 86 -7.72 23.51 -4.44
N ILE A 87 -8.90 22.95 -4.71
CA ILE A 87 -9.96 23.67 -5.41
C ILE A 87 -10.72 24.57 -4.47
N GLY A 88 -10.86 24.16 -3.21
CA GLY A 88 -11.57 24.98 -2.24
C GLY A 88 -10.89 26.31 -1.99
N LEU A 89 -9.56 26.31 -1.97
CA LEU A 89 -8.82 27.56 -1.77
C LEU A 89 -9.05 28.51 -2.95
N PHE A 90 -9.04 28.00 -4.18
CA PHE A 90 -9.33 28.83 -5.34
C PHE A 90 -10.75 29.37 -5.29
N GLN A 91 -11.71 28.54 -4.84
CA GLN A 91 -13.08 29.00 -4.74
C GLN A 91 -13.23 30.08 -3.68
N LEU A 92 -12.50 29.97 -2.57
CA LEU A 92 -12.47 31.04 -1.57
C LEU A 92 -11.90 32.32 -2.16
N ILE A 93 -10.79 32.21 -2.89
CA ILE A 93 -10.19 33.39 -3.52
C ILE A 93 -11.17 33.99 -4.52
N GLY A 94 -11.90 33.14 -5.24
CA GLY A 94 -12.93 33.57 -6.16
C GLY A 94 -12.56 33.33 -7.60
N MET A 95 -13.04 32.21 -8.14
CA MET A 95 -12.80 31.85 -9.54
C MET A 95 -14.01 31.07 -10.05
N THR A 96 -14.33 31.26 -11.32
CA THR A 96 -15.34 30.44 -11.95
C THR A 96 -14.79 29.03 -12.17
N LYS A 97 -15.70 28.05 -12.15
CA LYS A 97 -15.30 26.65 -12.33
C LYS A 97 -14.58 26.45 -13.67
N HIS A 98 -14.91 27.26 -14.67
CA HIS A 98 -14.25 27.14 -15.97
C HIS A 98 -12.77 27.43 -15.86
N LYS A 99 -12.39 28.45 -15.07
CA LYS A 99 -10.99 28.76 -14.88
C LYS A 99 -10.24 27.62 -14.21
N ILE A 100 -10.85 27.01 -13.19
CA ILE A 100 -10.21 25.88 -12.52
C ILE A 100 -10.05 24.71 -13.47
N PHE A 101 -11.08 24.43 -14.28
CA PHE A 101 -10.99 23.36 -15.25
C PHE A 101 -9.88 23.62 -16.26
N ARG A 102 -9.78 24.85 -16.74
CA ARG A 102 -8.73 25.19 -17.70
C ARG A 102 -7.35 25.04 -17.07
N ILE A 103 -7.18 25.48 -15.83
CA ILE A 103 -5.89 25.36 -15.15
C ILE A 103 -5.52 23.90 -14.99
N LEU A 104 -6.48 23.05 -14.60
CA LEU A 104 -6.17 21.63 -14.42
C LEU A 104 -5.85 20.96 -15.75
N SER A 105 -6.56 21.32 -16.82
CA SER A 105 -6.37 20.63 -18.10
C SER A 105 -5.11 21.09 -18.83
N ALA A 106 -4.69 22.34 -18.63
CA ALA A 106 -3.52 22.85 -19.34
C ALA A 106 -2.24 22.15 -18.95
N GLU A 107 -2.22 21.46 -17.80
CA GLU A 107 -1.07 20.67 -17.38
C GLU A 107 -1.15 19.24 -17.89
N ASN A 108 -2.34 18.63 -17.80
CA ASN A 108 -2.50 17.26 -18.28
C ASN A 108 -2.29 17.16 -19.79
N VAL A 109 -2.69 18.19 -20.54
CA VAL A 109 -2.48 18.16 -21.99
C VAL A 109 -1.00 17.98 -22.31
N MET A 110 -0.15 18.80 -21.69
CA MET A 110 1.29 18.68 -21.93
C MET A 110 1.83 17.36 -21.39
N LEU A 111 1.48 17.00 -20.15
CA LEU A 111 2.05 15.80 -19.56
C LEU A 111 1.63 14.54 -20.31
N TYR A 112 0.54 14.60 -21.06
CA TYR A 112 0.08 13.45 -21.83
C TYR A 112 0.68 13.44 -23.24
N PHE A 113 0.64 14.57 -23.94
CA PHE A 113 1.10 14.58 -25.33
C PHE A 113 2.62 14.52 -25.42
N GLY A 114 3.34 15.10 -24.45
CA GLY A 114 4.78 14.98 -24.46
C GLY A 114 5.29 13.58 -24.25
N SER A 115 4.46 12.70 -23.69
CA SER A 115 4.79 11.29 -23.60
C SER A 115 4.26 10.49 -24.79
N LEU A 116 3.10 10.87 -25.31
CA LEU A 116 2.59 10.21 -26.51
C LEU A 116 3.48 10.45 -27.72
N ALA A 117 4.15 11.60 -27.78
CA ALA A 117 5.04 11.90 -28.88
C ALA A 117 6.41 11.23 -28.74
N ILE A 118 6.69 10.59 -27.61
CA ILE A 118 7.93 9.85 -27.43
C ILE A 118 7.64 8.37 -27.56
N GLY A 119 6.43 7.96 -27.15
CA GLY A 119 6.06 6.56 -27.27
C GLY A 119 6.01 6.09 -28.72
N VAL A 120 5.41 6.90 -29.58
CA VAL A 120 5.33 6.55 -31.00
C VAL A 120 6.73 6.54 -31.62
N ALA A 121 7.55 7.54 -31.30
CA ALA A 121 8.90 7.61 -31.86
C ALA A 121 9.78 6.47 -31.40
N ALA A 122 9.41 5.77 -30.33
CA ALA A 122 10.17 4.63 -29.85
C ALA A 122 9.68 3.30 -30.43
N GLY A 123 8.61 3.32 -31.24
CA GLY A 123 8.14 2.10 -31.85
C GLY A 123 9.08 1.53 -32.88
N PHE A 124 9.85 2.40 -33.54
CA PHE A 124 10.78 1.94 -34.58
C PHE A 124 11.85 1.03 -34.00
N SER A 125 12.42 1.40 -32.85
CA SER A 125 13.50 0.63 -32.26
C SER A 125 13.04 -0.75 -31.80
N ILE A 126 11.75 -0.90 -31.49
CA ILE A 126 11.24 -2.16 -30.96
C ILE A 126 10.52 -2.99 -32.03
N SER A 127 10.15 -2.39 -33.17
CA SER A 127 9.45 -3.14 -34.20
C SER A 127 10.28 -4.30 -34.74
N LYS A 128 11.57 -4.05 -34.99
CA LYS A 128 12.43 -5.12 -35.49
C LYS A 128 12.80 -6.12 -34.40
N LEU A 129 12.97 -5.63 -33.16
CA LEU A 129 13.33 -6.54 -32.07
C LEU A 129 12.20 -7.50 -31.73
N VAL A 130 10.94 -7.05 -31.84
CA VAL A 130 9.82 -7.95 -31.61
C VAL A 130 9.81 -9.06 -32.66
N LEU A 131 10.04 -8.71 -33.92
CA LEU A 131 10.16 -9.71 -34.97
C LEU A 131 11.30 -10.67 -34.70
N MET A 132 12.44 -10.16 -34.22
CA MET A 132 13.57 -11.03 -33.91
C MET A 132 13.20 -12.03 -32.81
N ILE A 133 12.53 -11.56 -31.76
CA ILE A 133 12.14 -12.44 -30.67
C ILE A 133 11.16 -13.51 -31.17
N LEU A 134 10.16 -13.09 -31.95
CA LEU A 134 9.19 -14.05 -32.45
C LEU A 134 9.84 -15.07 -33.38
N PHE A 135 10.75 -14.62 -34.24
CA PHE A 135 11.44 -15.51 -35.16
C PHE A 135 12.47 -16.39 -34.45
N LYS A 136 12.85 -16.04 -33.23
CA LYS A 136 13.73 -16.91 -32.46
C LYS A 136 12.96 -17.95 -31.66
N ILE A 137 11.78 -17.60 -31.15
CA ILE A 137 10.95 -18.59 -30.46
C ILE A 137 10.50 -19.67 -31.44
N VAL A 138 9.94 -19.27 -32.57
CA VAL A 138 9.60 -20.18 -33.65
C VAL A 138 10.86 -20.43 -34.47
N ASP A 139 10.84 -21.41 -35.36
CA ASP A 139 11.96 -21.70 -36.24
C ASP A 139 11.67 -21.15 -37.63
N VAL A 140 12.54 -20.25 -38.10
CA VAL A 140 12.43 -19.64 -39.42
C VAL A 140 13.85 -19.24 -39.84
N LYS A 141 14.05 -18.98 -41.13
CA LYS A 141 15.40 -18.84 -41.65
C LYS A 141 16.05 -17.51 -41.24
N ALA A 142 15.53 -16.39 -41.75
CA ALA A 142 16.20 -15.11 -41.55
C ALA A 142 15.42 -13.93 -42.14
N ASP A 143 15.99 -12.73 -42.00
CA ASP A 143 15.62 -11.52 -42.73
C ASP A 143 14.37 -10.84 -42.21
N ALA A 144 14.43 -9.53 -42.03
CA ALA A 144 13.29 -8.70 -41.67
C ALA A 144 13.64 -7.25 -41.99
N LYS A 145 12.85 -6.62 -42.84
CA LYS A 145 13.15 -5.27 -43.32
C LYS A 145 12.09 -4.26 -42.91
N LEU A 146 10.82 -4.50 -43.24
CA LEU A 146 9.69 -3.69 -42.79
C LEU A 146 9.73 -2.25 -43.30
N HIS A 147 8.67 -1.51 -43.03
CA HIS A 147 8.56 -0.12 -43.46
C HIS A 147 7.73 0.65 -42.42
N PHE A 148 7.25 1.83 -42.82
CA PHE A 148 6.63 2.74 -41.86
C PHE A 148 5.30 2.21 -41.33
N SER A 149 4.45 1.69 -42.22
CA SER A 149 3.12 1.20 -41.86
C SER A 149 2.29 2.30 -41.19
N GLU A 150 1.98 3.31 -42.00
CA GLU A 150 1.27 4.49 -41.50
C GLU A 150 -0.08 4.16 -40.87
N GLN A 151 -0.69 3.04 -41.27
CA GLN A 151 -1.93 2.61 -40.63
C GLN A 151 -1.76 2.44 -39.13
N ALA A 152 -0.59 1.94 -38.71
CA ALA A 152 -0.32 1.79 -37.28
C ALA A 152 -0.31 3.14 -36.58
N LEU A 153 0.33 4.14 -37.18
CA LEU A 153 0.34 5.48 -36.60
C LEU A 153 -1.07 6.04 -36.49
N VAL A 154 -1.86 5.89 -37.56
CA VAL A 154 -3.22 6.41 -37.54
C VAL A 154 -4.03 5.76 -36.43
N GLN A 155 -3.95 4.43 -36.33
CA GLN A 155 -4.73 3.73 -35.32
C GLN A 155 -4.30 4.11 -33.91
N THR A 156 -2.98 4.18 -33.66
CA THR A 156 -2.50 4.52 -32.34
C THR A 156 -2.91 5.93 -31.94
N VAL A 157 -2.76 6.89 -32.85
CA VAL A 157 -3.14 8.26 -32.55
C VAL A 157 -4.64 8.35 -32.28
N ILE A 158 -5.45 7.65 -33.07
CA ILE A 158 -6.90 7.71 -32.88
C ILE A 158 -7.27 7.16 -31.51
N VAL A 159 -6.72 5.99 -31.14
CA VAL A 159 -7.09 5.37 -29.88
C VAL A 159 -6.65 6.23 -28.69
N PHE A 160 -5.40 6.69 -28.71
CA PHE A 160 -4.87 7.42 -27.58
C PHE A 160 -5.27 8.90 -27.57
N CYS A 161 -5.97 9.36 -28.60
CA CYS A 161 -6.69 10.62 -28.49
C CYS A 161 -8.14 10.42 -28.06
N GLY A 162 -8.72 9.25 -28.37
CA GLY A 162 -10.05 8.96 -27.89
C GLY A 162 -10.11 8.76 -26.38
N ILE A 163 -9.06 8.16 -25.82
CA ILE A 163 -9.04 7.96 -24.37
C ILE A 163 -9.02 9.29 -23.62
N TYR A 164 -8.34 10.30 -24.18
CA TYR A 164 -8.22 11.58 -23.49
C TYR A 164 -9.56 12.27 -23.32
N LEU A 165 -10.50 12.07 -24.25
CA LEU A 165 -11.82 12.67 -24.10
C LEU A 165 -12.55 12.08 -22.89
N LEU A 166 -12.44 10.77 -22.68
CA LEU A 166 -13.01 10.18 -21.48
C LEU A 166 -12.35 10.72 -20.22
N ILE A 167 -11.01 10.87 -20.25
CA ILE A 167 -10.32 11.47 -19.12
C ILE A 167 -10.87 12.86 -18.83
N MET A 168 -11.03 13.67 -19.87
CA MET A 168 -11.47 15.05 -19.68
C MET A 168 -12.90 15.12 -19.16
N ILE A 169 -13.79 14.27 -19.68
CA ILE A 169 -15.17 14.31 -19.21
C ILE A 169 -15.26 13.84 -17.76
N MET A 170 -14.44 12.85 -17.38
CA MET A 170 -14.41 12.44 -15.97
C MET A 170 -13.92 13.56 -15.08
N ASN A 171 -12.87 14.27 -15.50
CA ASN A 171 -12.35 15.37 -14.69
C ASN A 171 -13.37 16.49 -14.55
N TYR A 172 -14.07 16.82 -15.65
CA TYR A 172 -15.09 17.85 -15.60
C TYR A 172 -16.23 17.46 -14.67
N THR A 173 -16.66 16.19 -14.75
CA THR A 173 -17.72 15.72 -13.85
C THR A 173 -17.29 15.82 -12.40
N PHE A 174 -16.03 15.46 -12.11
CA PHE A 174 -15.54 15.58 -10.75
C PHE A 174 -15.52 17.03 -10.28
N ILE A 175 -15.06 17.94 -11.15
CA ILE A 175 -14.99 19.34 -10.77
C ILE A 175 -16.38 19.90 -10.48
N LYS A 176 -17.35 19.58 -11.33
CA LYS A 176 -18.72 20.06 -11.10
C LYS A 176 -19.34 19.43 -9.86
N LYS A 177 -19.08 18.14 -9.63
CA LYS A 177 -19.67 17.44 -8.50
C LYS A 177 -19.12 17.91 -7.16
N GLN A 178 -17.96 18.57 -7.16
CA GLN A 178 -17.31 18.95 -5.91
C GLN A 178 -18.22 19.83 -5.07
N SER A 179 -18.18 19.61 -3.76
CA SER A 179 -18.99 20.39 -2.83
C SER A 179 -18.62 21.87 -2.91
N ILE A 180 -19.43 22.69 -2.25
CA ILE A 180 -19.27 24.14 -2.37
C ILE A 180 -17.91 24.57 -1.81
N LEU A 181 -17.58 24.13 -0.59
CA LEU A 181 -16.23 24.29 -0.06
C LEU A 181 -15.58 22.95 0.24
N SER A 182 -16.18 22.11 1.08
CA SER A 182 -15.59 20.84 1.50
C SER A 182 -14.19 21.03 2.06
N LEU A 183 -14.00 22.09 2.85
CA LEU A 183 -12.70 22.41 3.40
C LEU A 183 -12.61 22.25 4.91
N PHE A 184 -13.73 22.32 5.63
CA PHE A 184 -13.71 22.18 7.07
C PHE A 184 -13.55 20.72 7.48
N LYS A 195 -10.42 -0.16 17.79
CA LYS A 195 -11.76 -0.71 17.92
C LYS A 195 -11.72 -2.15 18.41
N LYS A 196 -12.79 -2.59 19.05
CA LYS A 196 -12.90 -3.95 19.57
C LYS A 196 -13.41 -4.90 18.49
N ILE A 197 -13.01 -6.17 18.60
CA ILE A 197 -13.38 -7.15 17.59
C ILE A 197 -14.86 -7.52 17.73
N SER A 198 -15.49 -7.81 16.59
CA SER A 198 -16.88 -8.22 16.55
C SER A 198 -16.96 -9.74 16.45
N PHE A 199 -18.16 -10.27 16.22
CA PHE A 199 -18.37 -11.70 16.08
C PHE A 199 -18.78 -12.11 14.67
N PHE A 200 -19.36 -11.21 13.88
CA PHE A 200 -19.62 -11.50 12.48
C PHE A 200 -18.32 -11.71 11.72
N GLN A 201 -17.28 -10.93 12.06
CA GLN A 201 -15.99 -11.09 11.43
C GLN A 201 -15.38 -12.46 11.76
N MET A 202 -15.78 -13.07 12.89
CA MET A 202 -15.37 -14.43 13.17
C MET A 202 -15.81 -15.37 12.05
N LEU A 203 -17.11 -15.32 11.72
CA LEU A 203 -17.64 -16.15 10.64
C LEU A 203 -17.02 -15.79 9.30
N ILE A 204 -16.80 -14.50 9.06
CA ILE A 204 -16.19 -14.07 7.80
C ILE A 204 -14.79 -14.68 7.65
N GLY A 205 -13.99 -14.60 8.71
CA GLY A 205 -12.64 -15.14 8.66
C GLY A 205 -12.62 -16.65 8.55
N ALA A 206 -13.56 -17.33 9.19
CA ALA A 206 -13.65 -18.78 9.03
C ALA A 206 -14.00 -19.16 7.60
N LEU A 207 -15.00 -18.48 7.02
CA LEU A 207 -15.43 -18.80 5.66
C LEU A 207 -14.33 -18.51 4.65
N GLY A 208 -13.57 -17.41 4.86
CA GLY A 208 -12.55 -17.04 3.90
C GLY A 208 -11.51 -18.11 3.68
N ILE A 209 -11.16 -18.83 4.75
CA ILE A 209 -10.20 -19.93 4.63
C ILE A 209 -10.88 -21.23 4.24
N VAL A 210 -12.08 -21.48 4.76
CA VAL A 210 -12.76 -22.74 4.47
C VAL A 210 -13.06 -22.87 2.98
N LEU A 211 -13.55 -21.78 2.36
CA LEU A 211 -13.88 -21.83 0.95
C LEU A 211 -12.64 -22.10 0.09
N ILE A 212 -11.53 -21.43 0.39
CA ILE A 212 -10.32 -21.63 -0.39
C ILE A 212 -9.81 -23.06 -0.23
N LEU A 213 -9.80 -23.56 1.00
CA LEU A 213 -9.30 -24.92 1.23
C LEU A 213 -10.17 -25.96 0.52
N THR A 214 -11.49 -25.82 0.60
CA THR A 214 -12.36 -26.79 -0.07
C THR A 214 -12.28 -26.66 -1.58
N GLY A 215 -12.06 -25.44 -2.09
CA GLY A 215 -11.86 -25.29 -3.52
C GLY A 215 -10.61 -26.00 -4.00
N TYR A 216 -9.50 -25.83 -3.25
CA TYR A 216 -8.27 -26.54 -3.60
C TYR A 216 -8.49 -28.06 -3.56
N TYR A 217 -9.15 -28.55 -2.50
CA TYR A 217 -9.35 -29.99 -2.39
C TYR A 217 -10.21 -30.53 -3.52
N VAL A 218 -11.26 -29.81 -3.90
CA VAL A 218 -12.10 -30.26 -5.01
C VAL A 218 -11.33 -30.21 -6.32
N SER A 219 -10.53 -29.17 -6.54
CA SER A 219 -9.75 -29.06 -7.76
C SER A 219 -8.67 -30.12 -7.84
N SER A 220 -8.28 -30.69 -6.70
CA SER A 220 -7.27 -31.75 -6.71
C SER A 220 -7.76 -32.98 -7.47
N GLU A 221 -9.03 -33.35 -7.28
CA GLU A 221 -9.59 -34.56 -7.86
C GLU A 221 -10.49 -34.28 -9.07
N LEU A 222 -10.17 -33.26 -9.85
CA LEU A 222 -10.99 -32.92 -11.01
C LEU A 222 -10.86 -34.00 -12.07
N PHE A 223 -9.63 -34.23 -12.55
CA PHE A 223 -9.37 -35.30 -13.50
C PHE A 223 -9.11 -36.60 -12.76
N GLY A 224 -9.52 -37.71 -13.40
CA GLY A 224 -9.37 -39.02 -12.81
C GLY A 224 -10.10 -39.17 -11.50
N GLY A 225 -11.32 -38.64 -11.44
CA GLY A 225 -12.09 -38.68 -10.21
C GLY A 225 -13.38 -39.45 -10.31
N LYS A 226 -14.30 -39.21 -9.38
CA LYS A 226 -15.56 -39.94 -9.35
C LYS A 226 -16.51 -39.47 -10.45
N PHE A 227 -16.35 -38.24 -10.91
CA PHE A 227 -17.19 -37.70 -11.96
C PHE A 227 -16.42 -37.58 -13.27
N LYS A 228 -17.02 -38.08 -14.35
CA LYS A 228 -16.39 -38.00 -15.67
C LYS A 228 -17.51 -37.90 -16.72
N THR A 229 -17.78 -36.68 -17.16
CA THR A 229 -18.76 -36.42 -18.20
C THR A 229 -18.55 -35.01 -18.75
N ILE A 230 -18.56 -34.87 -20.09
CA ILE A 230 -18.30 -33.57 -20.69
C ILE A 230 -19.32 -32.53 -20.26
N ASN A 231 -20.54 -32.96 -19.95
CA ASN A 231 -21.58 -32.05 -19.48
C ASN A 231 -21.60 -31.90 -17.96
N GLU A 232 -20.69 -32.56 -17.25
CA GLU A 232 -20.62 -32.45 -15.80
C GLU A 232 -19.34 -31.77 -15.30
N LEU A 233 -18.22 -31.90 -16.02
CA LEU A 233 -17.00 -31.23 -15.61
C LEU A 233 -17.11 -29.72 -15.71
N PHE A 234 -17.99 -29.21 -16.57
CA PHE A 234 -18.19 -27.77 -16.68
C PHE A 234 -18.73 -27.20 -15.37
N VAL A 235 -19.70 -27.89 -14.75
CA VAL A 235 -20.27 -27.41 -13.50
C VAL A 235 -19.23 -27.42 -12.39
N ALA A 236 -18.43 -28.49 -12.32
CA ALA A 236 -17.39 -28.57 -11.30
C ALA A 236 -16.34 -27.48 -11.48
N MET A 237 -15.95 -27.23 -12.73
CA MET A 237 -14.99 -26.17 -13.01
C MET A 237 -15.54 -24.81 -12.61
N SER A 238 -16.82 -24.54 -12.92
CA SER A 238 -17.44 -23.28 -12.52
C SER A 238 -17.50 -23.16 -11.01
N PHE A 239 -17.84 -24.24 -10.32
CA PHE A 239 -17.91 -24.19 -8.86
C PHE A 239 -16.54 -23.89 -8.25
N ILE A 240 -15.49 -24.54 -8.75
CA ILE A 240 -14.15 -24.26 -8.24
C ILE A 240 -13.75 -22.83 -8.54
N LEU A 241 -13.98 -22.36 -9.75
CA LEU A 241 -13.59 -21.01 -10.15
C LEU A 241 -14.44 -19.94 -9.48
N GLY A 242 -15.56 -20.30 -8.89
CA GLY A 242 -16.31 -19.36 -8.08
C GLY A 242 -15.87 -19.37 -6.64
N SER A 243 -15.59 -20.57 -6.11
CA SER A 243 -15.18 -20.70 -4.72
C SER A 243 -13.82 -20.04 -4.48
N VAL A 244 -12.87 -20.26 -5.39
CA VAL A 244 -11.51 -19.76 -5.18
C VAL A 244 -11.50 -18.24 -5.25
N ILE A 245 -12.49 -17.66 -5.91
CA ILE A 245 -12.61 -16.21 -6.02
C ILE A 245 -13.34 -15.61 -4.83
N ILE A 246 -14.45 -16.23 -4.42
CA ILE A 246 -15.17 -15.73 -3.25
C ILE A 246 -14.30 -15.83 -2.01
N GLY A 247 -13.58 -16.95 -1.85
CA GLY A 247 -12.68 -17.07 -0.71
C GLY A 247 -11.57 -16.06 -0.72
N THR A 248 -11.00 -15.79 -1.90
CA THR A 248 -9.96 -14.78 -2.00
C THR A 248 -10.49 -13.40 -1.64
N PHE A 249 -11.70 -13.08 -2.10
CA PHE A 249 -12.30 -11.79 -1.77
C PHE A 249 -12.56 -11.67 -0.27
N LEU A 250 -13.05 -12.73 0.36
CA LEU A 250 -13.31 -12.70 1.79
C LEU A 250 -12.03 -12.78 2.62
N PHE A 251 -10.92 -13.22 2.02
CA PHE A 251 -9.65 -13.29 2.74
C PHE A 251 -9.12 -11.93 3.14
N TYR A 252 -9.49 -10.88 2.42
CA TYR A 252 -9.00 -9.54 2.72
C TYR A 252 -9.97 -8.72 3.56
N LYS A 253 -11.28 -8.84 3.31
CA LYS A 253 -12.27 -8.07 4.04
C LYS A 253 -12.81 -8.86 5.23
N GLY A 254 -11.93 -9.12 6.20
CA GLY A 254 -12.34 -9.75 7.43
C GLY A 254 -11.70 -11.09 7.71
N SER A 255 -10.51 -11.33 7.19
CA SER A 255 -9.76 -12.54 7.51
C SER A 255 -8.29 -12.30 7.86
N VAL A 256 -7.70 -11.19 7.43
CA VAL A 256 -6.37 -10.85 7.92
C VAL A 256 -6.47 -10.19 9.29
N THR A 257 -7.61 -9.55 9.58
CA THR A 257 -7.81 -8.96 10.90
C THR A 257 -7.81 -10.03 11.98
N PHE A 258 -8.42 -11.19 11.70
CA PHE A 258 -8.41 -12.29 12.66
C PHE A 258 -6.99 -12.77 12.95
N ILE A 259 -6.20 -12.99 11.91
CA ILE A 259 -4.83 -13.47 12.11
C ILE A 259 -4.01 -12.44 12.87
N SER A 260 -4.15 -11.17 12.50
CA SER A 260 -3.40 -10.12 13.17
C SER A 260 -3.80 -9.98 14.63
N ASN A 261 -5.11 -10.11 14.92
CA ASN A 261 -5.57 -10.04 16.31
C ASN A 261 -5.06 -11.22 17.11
N ILE A 262 -5.03 -12.41 16.51
CA ILE A 262 -4.49 -13.58 17.21
C ILE A 262 -3.01 -13.40 17.50
N ILE A 263 -2.27 -12.84 16.54
CA ILE A 263 -0.84 -12.58 16.77
C ILE A 263 -0.67 -11.55 17.88
N ARG A 264 -1.48 -10.49 17.88
CA ARG A 264 -1.35 -9.44 18.88
C ARG A 264 -1.67 -9.97 20.28
N LYS A 265 -2.74 -10.76 20.40
CA LYS A 265 -3.09 -11.34 21.69
C LYS A 265 -2.29 -12.61 21.93
N SER A 266 -0.98 -12.53 21.70
CA SER A 266 -0.06 -13.62 22.01
C SER A 266 1.20 -13.14 22.70
N LYS A 267 1.49 -11.84 22.70
CA LYS A 267 2.63 -11.29 23.39
C LYS A 267 2.25 -10.45 24.61
N GLY A 268 0.97 -10.11 24.77
CA GLY A 268 0.58 -9.32 25.91
C GLY A 268 1.06 -7.88 25.81
N GLY A 269 2.10 -7.57 26.57
CA GLY A 269 2.66 -6.24 26.72
C GLY A 269 3.84 -6.06 25.80
N TYR A 270 5.05 -6.30 26.31
CA TYR A 270 6.33 -6.01 25.67
C TYR A 270 6.30 -6.24 24.17
N LEU A 271 6.63 -5.20 23.42
CA LEU A 271 6.59 -5.21 21.96
C LEU A 271 7.85 -4.52 21.45
N ASN A 272 7.87 -4.18 20.16
CA ASN A 272 8.98 -3.45 19.58
C ASN A 272 8.48 -2.69 18.37
N ILE A 273 9.26 -1.70 17.93
CA ILE A 273 8.90 -0.89 16.78
C ILE A 273 8.88 -1.68 15.49
N SER A 274 9.44 -2.90 15.48
CA SER A 274 9.39 -3.73 14.30
C SER A 274 7.98 -4.24 14.00
N GLU A 275 7.12 -4.30 15.02
CA GLU A 275 5.77 -4.81 14.86
C GLU A 275 4.68 -3.76 15.03
N VAL A 276 4.99 -2.62 15.65
CA VAL A 276 3.97 -1.61 15.92
C VAL A 276 3.37 -1.09 14.62
N LEU A 277 4.22 -0.71 13.67
CA LEU A 277 3.74 -0.16 12.41
C LEU A 277 2.88 -1.17 11.65
N SER A 278 3.36 -2.43 11.58
CA SER A 278 2.62 -3.46 10.85
C SER A 278 1.26 -3.71 11.51
N LEU A 279 1.25 -3.97 12.81
CA LEU A 279 0.01 -4.29 13.50
C LEU A 279 -0.93 -3.08 13.59
N SER A 280 -0.43 -1.87 13.36
CA SER A 280 -1.31 -0.71 13.36
C SER A 280 -1.86 -0.41 11.96
N SER A 281 -1.11 -0.74 10.90
CA SER A 281 -1.49 -0.33 9.56
C SER A 281 -2.15 -1.44 8.74
N ILE A 282 -1.69 -2.68 8.86
CA ILE A 282 -2.14 -3.74 7.94
C ILE A 282 -3.64 -3.99 8.11
N MET A 283 -4.10 -4.11 9.35
CA MET A 283 -5.49 -4.48 9.61
C MET A 283 -6.44 -3.41 9.07
N PHE A 284 -6.13 -2.15 9.29
CA PHE A 284 -7.02 -1.06 8.91
C PHE A 284 -6.79 -0.55 7.50
N ARG A 285 -5.76 -1.03 6.80
CA ARG A 285 -5.55 -0.62 5.42
C ARG A 285 -5.87 -1.70 4.39
N MET A 286 -5.60 -2.97 4.69
CA MET A 286 -5.90 -4.02 3.73
C MET A 286 -7.41 -4.25 3.59
N LYS A 287 -8.17 -3.96 4.65
CA LYS A 287 -9.63 -4.12 4.56
C LYS A 287 -10.24 -3.10 3.60
N SER A 288 -9.73 -1.87 3.61
CA SER A 288 -10.34 -0.81 2.80
C SER A 288 -10.23 -1.10 1.31
N ASN A 289 -9.11 -1.66 0.87
CA ASN A 289 -8.86 -1.91 -0.55
C ASN A 289 -9.11 -3.37 -0.93
N ALA A 290 -10.12 -4.00 -0.34
CA ALA A 290 -10.35 -5.42 -0.59
C ALA A 290 -11.24 -5.65 -1.81
N LEU A 291 -10.96 -4.94 -2.90
CA LEU A 291 -11.42 -5.34 -4.22
C LEU A 291 -10.36 -5.18 -5.31
N LEU A 292 -9.37 -4.29 -5.12
CA LEU A 292 -8.28 -4.17 -6.07
C LEU A 292 -7.28 -5.31 -5.92
N LEU A 293 -6.98 -5.70 -4.68
CA LEU A 293 -6.03 -6.77 -4.44
C LEU A 293 -6.55 -8.11 -4.97
N THR A 294 -7.86 -8.34 -4.85
CA THR A 294 -8.46 -9.55 -5.40
C THR A 294 -8.23 -9.63 -6.89
N ILE A 295 -8.48 -8.53 -7.60
CA ILE A 295 -8.29 -8.51 -9.06
C ILE A 295 -6.83 -8.75 -9.41
N ILE A 296 -5.90 -8.09 -8.69
CA ILE A 296 -4.48 -8.28 -8.99
C ILE A 296 -4.10 -9.75 -8.80
N THR A 297 -4.48 -10.35 -7.67
CA THR A 297 -4.09 -11.72 -7.40
C THR A 297 -4.67 -12.67 -8.45
N THR A 298 -5.95 -12.51 -8.79
CA THR A 298 -6.58 -13.41 -9.75
C THR A 298 -5.94 -13.30 -11.12
N VAL A 299 -5.71 -12.06 -11.60
CA VAL A 299 -5.14 -11.91 -12.94
C VAL A 299 -3.70 -12.39 -12.97
N SER A 300 -2.93 -12.14 -11.90
CA SER A 300 -1.56 -12.64 -11.85
C SER A 300 -1.52 -14.17 -11.88
N ALA A 301 -2.39 -14.83 -11.10
CA ALA A 301 -2.46 -16.28 -11.13
C ALA A 301 -2.86 -16.78 -12.51
N LEU A 302 -3.83 -16.13 -13.14
CA LEU A 302 -4.27 -16.52 -14.47
C LEU A 302 -3.16 -16.40 -15.52
N ALA A 303 -2.34 -15.35 -15.45
CA ALA A 303 -1.24 -15.20 -16.39
C ALA A 303 -0.14 -16.23 -16.14
N ILE A 304 0.25 -16.42 -14.88
CA ILE A 304 1.34 -17.34 -14.57
C ILE A 304 0.94 -18.77 -14.94
N GLY A 305 -0.29 -19.17 -14.62
CA GLY A 305 -0.71 -20.53 -14.95
C GLY A 305 -0.74 -20.79 -16.44
N LEU A 306 -1.26 -19.83 -17.22
CA LEU A 306 -1.29 -20.00 -18.67
C LEU A 306 0.11 -20.08 -19.25
N LEU A 307 1.02 -19.21 -18.79
CA LEU A 307 2.38 -19.25 -19.30
C LEU A 307 3.06 -20.57 -18.99
N SER A 308 2.91 -21.06 -17.75
CA SER A 308 3.53 -22.32 -17.38
C SER A 308 2.94 -23.50 -18.15
N LEU A 309 1.61 -23.51 -18.33
CA LEU A 309 0.96 -24.58 -19.07
C LEU A 309 1.36 -24.59 -20.54
N ALA A 310 1.60 -23.42 -21.13
CA ALA A 310 2.12 -23.40 -22.49
C ALA A 310 3.57 -23.87 -22.55
N TYR A 311 4.37 -23.48 -21.56
CA TYR A 311 5.79 -23.84 -21.63
C TYR A 311 6.00 -25.32 -21.37
N ILE A 312 5.12 -25.96 -20.61
CA ILE A 312 5.21 -27.41 -20.43
C ILE A 312 5.08 -28.12 -21.76
N SER A 313 4.08 -27.73 -22.56
CA SER A 313 3.89 -28.34 -23.87
C SER A 313 5.03 -28.02 -24.82
N TYR A 314 5.52 -26.78 -24.79
CA TYR A 314 6.67 -26.43 -25.62
C TYR A 314 7.90 -27.24 -25.26
N TYR A 315 8.04 -27.58 -23.97
CA TYR A 315 9.18 -28.38 -23.53
C TYR A 315 9.04 -29.84 -23.94
N SER A 316 7.82 -30.39 -23.84
CA SER A 316 7.61 -31.81 -24.08
C SER A 316 7.21 -32.15 -25.50
N SER A 317 7.14 -31.16 -26.40
CA SER A 317 6.80 -31.45 -27.79
C SER A 317 7.82 -32.37 -28.44
N GLU A 318 9.12 -32.15 -28.17
CA GLU A 318 10.16 -32.94 -28.81
C GLU A 318 10.10 -34.41 -28.41
N LYS A 319 9.54 -34.72 -27.25
CA LYS A 319 9.36 -36.11 -26.85
C LYS A 319 8.01 -36.67 -27.29
N THR A 320 6.96 -35.83 -27.31
CA THR A 320 5.67 -36.29 -27.80
C THR A 320 5.76 -36.68 -29.27
N ALA A 321 6.49 -35.90 -30.06
CA ALA A 321 6.65 -36.23 -31.48
C ALA A 321 7.37 -37.56 -31.64
N GLU A 322 8.41 -37.81 -30.85
CA GLU A 322 9.12 -39.09 -30.94
C GLU A 322 8.27 -40.25 -30.45
N GLN A 323 7.36 -40.01 -29.51
CA GLN A 323 6.50 -41.08 -29.03
C GLN A 323 5.38 -41.40 -30.01
N ASN A 324 4.87 -40.40 -30.73
CA ASN A 324 3.75 -40.64 -31.64
C ASN A 324 4.13 -41.60 -32.76
N VAL A 325 5.33 -41.46 -33.32
CA VAL A 325 5.82 -42.33 -34.38
C VAL A 325 7.01 -43.12 -33.85
N ALA A 326 6.94 -44.44 -34.00
CA ALA A 326 7.99 -45.30 -33.43
C ALA A 326 9.34 -45.03 -34.07
N ALA A 327 9.38 -44.90 -35.39
CA ALA A 327 10.61 -44.66 -36.12
C ALA A 327 10.62 -43.22 -36.65
N ASP A 328 11.71 -42.87 -37.34
CA ASP A 328 11.83 -41.53 -37.91
C ASP A 328 10.93 -41.31 -39.11
N PHE A 329 10.40 -42.37 -39.72
CA PHE A 329 9.50 -42.24 -40.85
C PHE A 329 8.45 -43.35 -40.79
N SER A 330 7.23 -43.01 -41.21
CA SER A 330 6.13 -43.95 -41.24
C SER A 330 5.43 -43.86 -42.59
N PHE A 331 4.93 -45.00 -43.05
CA PHE A 331 4.26 -45.09 -44.34
C PHE A 331 2.97 -45.89 -44.22
N MET A 332 2.05 -45.62 -45.15
CA MET A 332 0.77 -46.31 -45.19
C MET A 332 0.60 -47.22 -46.40
N ASN A 333 1.37 -47.01 -47.47
CA ASN A 333 1.27 -47.80 -48.68
C ASN A 333 2.65 -48.29 -49.09
N GLU A 334 2.67 -49.46 -49.75
CA GLU A 334 3.94 -50.04 -50.19
C GLU A 334 4.54 -49.24 -51.34
N LYS A 335 3.69 -48.71 -52.22
CA LYS A 335 4.19 -47.97 -53.38
C LYS A 335 5.05 -46.78 -52.97
N ASP A 336 4.54 -45.96 -52.03
CA ASP A 336 5.30 -44.80 -51.61
C ASP A 336 6.55 -45.19 -50.83
N ALA A 337 6.48 -46.27 -50.05
CA ALA A 337 7.65 -46.72 -49.31
C ALA A 337 8.77 -47.17 -50.26
N LYS A 338 8.41 -47.96 -51.28
CA LYS A 338 9.44 -48.40 -52.21
C LYS A 338 9.94 -47.25 -53.07
N LEU A 339 9.09 -46.28 -53.40
CA LEU A 339 9.57 -45.09 -54.09
C LEU A 339 10.56 -44.32 -53.22
N PHE A 340 10.26 -44.19 -51.93
CA PHE A 340 11.15 -43.46 -51.03
C PHE A 340 12.50 -44.16 -50.91
N GLU A 341 12.50 -45.49 -50.76
CA GLU A 341 13.77 -46.18 -50.65
C GLU A 341 14.53 -46.17 -51.96
N ASN A 342 13.83 -46.23 -53.11
CA ASN A 342 14.50 -46.10 -54.39
C ASN A 342 15.16 -44.74 -54.52
N LYS A 343 14.48 -43.68 -54.10
CA LYS A 343 15.09 -42.36 -54.12
C LYS A 343 16.30 -42.28 -53.19
N LEU A 344 16.19 -42.88 -52.00
CA LEU A 344 17.29 -42.85 -51.05
C LEU A 344 18.49 -43.68 -51.49
N ARG A 345 18.28 -44.64 -52.40
CA ARG A 345 19.36 -45.55 -52.78
C ARG A 345 20.55 -44.80 -53.39
N GLU A 346 20.30 -43.85 -54.29
CA GLU A 346 21.38 -43.10 -54.90
C GLU A 346 21.75 -41.84 -54.12
N SER A 347 21.12 -41.60 -52.97
CA SER A 347 21.42 -40.44 -52.15
C SER A 347 22.56 -40.69 -51.17
N ASN A 348 23.17 -41.88 -51.21
CA ASN A 348 24.28 -42.24 -50.32
C ASN A 348 23.88 -42.15 -48.85
N ILE A 349 22.62 -42.48 -48.55
CA ILE A 349 22.11 -42.49 -47.18
C ILE A 349 21.49 -43.86 -46.97
N SER A 350 22.26 -44.79 -46.41
CA SER A 350 21.75 -46.12 -46.14
C SER A 350 20.73 -46.08 -45.00
N PHE A 351 19.70 -46.90 -45.11
CA PHE A 351 18.62 -46.93 -44.15
C PHE A 351 18.45 -48.33 -43.57
N VAL A 352 18.05 -48.38 -42.31
CA VAL A 352 17.75 -49.64 -41.63
C VAL A 352 16.23 -49.76 -41.62
N LYS A 353 15.68 -50.52 -42.56
CA LYS A 353 14.24 -50.66 -42.72
C LYS A 353 13.80 -52.01 -42.19
N LYS A 354 12.87 -52.00 -41.24
CA LYS A 354 12.30 -53.21 -40.67
C LYS A 354 10.78 -53.09 -40.67
N ALA A 355 10.11 -54.18 -41.01
CA ALA A 355 8.66 -54.21 -41.11
C ALA A 355 8.09 -55.16 -40.07
N THR A 356 6.90 -54.84 -39.57
CA THR A 356 6.25 -55.66 -38.55
C THR A 356 4.75 -55.62 -38.75
N PRO A 357 4.13 -56.75 -39.10
CA PRO A 357 2.68 -56.77 -39.25
C PRO A 357 1.96 -56.69 -37.92
N VAL A 358 0.74 -56.16 -37.96
CA VAL A 358 -0.08 -55.98 -36.76
C VAL A 358 -1.44 -56.63 -37.01
N LEU A 359 -1.89 -57.42 -36.04
CA LEU A 359 -3.19 -58.08 -36.09
C LEU A 359 -4.07 -57.44 -35.04
N GLN A 360 -4.96 -56.54 -35.46
CA GLN A 360 -5.84 -55.87 -34.52
C GLN A 360 -6.80 -56.85 -33.89
N ALA A 361 -6.96 -56.77 -32.57
CA ALA A 361 -7.84 -57.67 -31.86
C ALA A 361 -8.30 -56.99 -30.57
N ASN A 362 -9.37 -57.53 -30.00
CA ASN A 362 -9.97 -56.99 -28.78
C ASN A 362 -10.06 -58.07 -27.71
N VAL A 363 -9.93 -57.64 -26.46
CA VAL A 363 -9.91 -58.53 -25.31
C VAL A 363 -10.70 -57.89 -24.18
N ASP A 364 -10.74 -58.57 -23.03
CA ASP A 364 -11.43 -58.09 -21.84
C ASP A 364 -10.39 -57.68 -20.81
N ILE A 365 -10.50 -56.45 -20.30
CA ILE A 365 -9.60 -55.95 -19.28
C ILE A 365 -10.41 -55.42 -18.11
N ALA A 366 -11.60 -56.00 -17.89
CA ALA A 366 -12.44 -55.54 -16.79
C ALA A 366 -11.83 -55.87 -15.44
N ASN A 367 -11.23 -57.05 -15.30
CA ASN A 367 -10.69 -57.49 -14.02
C ASN A 367 -9.42 -56.75 -13.63
N ILE A 368 -8.78 -56.01 -14.54
CA ILE A 368 -7.52 -55.35 -14.25
C ILE A 368 -7.72 -53.89 -13.83
N MET A 369 -8.97 -53.46 -13.66
CA MET A 369 -9.28 -52.07 -13.35
C MET A 369 -9.18 -51.85 -11.84
N ASP A 370 -8.38 -50.86 -11.45
CA ASP A 370 -8.28 -50.46 -10.05
C ASP A 370 -9.28 -49.38 -9.66
N GLY A 371 -9.98 -48.79 -10.62
CA GLY A 371 -10.90 -47.71 -10.33
C GLY A 371 -12.36 -48.05 -10.52
N THR A 372 -12.99 -47.37 -11.47
CA THR A 372 -14.42 -47.50 -11.72
C THR A 372 -14.67 -47.69 -13.21
N PRO A 373 -15.78 -48.32 -13.58
CA PRO A 373 -16.12 -48.43 -15.02
C PRO A 373 -16.32 -47.10 -15.70
N LYS A 374 -16.48 -46.00 -14.95
CA LYS A 374 -16.57 -44.68 -15.56
C LYS A 374 -15.27 -44.34 -16.30
N GLU A 375 -14.13 -44.67 -15.71
CA GLU A 375 -12.83 -44.52 -16.37
C GLU A 375 -12.67 -45.65 -17.38
N MET A 376 -13.36 -45.51 -18.51
CA MET A 376 -13.42 -46.56 -19.52
C MET A 376 -12.67 -46.24 -20.80
N GLN A 377 -12.96 -45.10 -21.44
CA GLN A 377 -12.36 -44.75 -22.73
C GLN A 377 -12.52 -45.91 -23.72
N GLY A 378 -13.70 -46.52 -23.72
CA GLY A 378 -13.94 -47.73 -24.46
C GLY A 378 -14.48 -48.83 -23.56
N ASP A 379 -15.19 -49.78 -24.14
CA ASP A 379 -15.77 -50.86 -23.33
C ASP A 379 -14.66 -51.72 -22.75
N PRO A 380 -14.65 -51.94 -21.43
CA PRO A 380 -13.57 -52.77 -20.85
C PRO A 380 -13.52 -54.19 -21.39
N GLY A 381 -14.68 -54.77 -21.72
CA GLY A 381 -14.69 -56.11 -22.28
C GLY A 381 -14.48 -56.18 -23.77
N ASN A 382 -14.63 -55.07 -24.48
CA ASN A 382 -14.52 -55.03 -25.93
C ASN A 382 -13.68 -53.84 -26.38
N MET A 383 -12.59 -53.57 -25.69
CA MET A 383 -11.72 -52.45 -26.02
C MET A 383 -10.79 -52.85 -27.17
N GLN A 384 -10.63 -51.95 -28.14
CA GLN A 384 -9.77 -52.23 -29.28
C GLN A 384 -8.30 -52.13 -28.88
N LEU A 385 -7.53 -53.16 -29.22
CA LEU A 385 -6.09 -53.19 -28.97
C LEU A 385 -5.39 -53.68 -30.22
N ALA A 386 -4.06 -53.78 -30.13
CA ALA A 386 -3.24 -54.28 -31.22
C ALA A 386 -2.36 -55.41 -30.72
N VAL A 387 -2.15 -56.42 -31.58
CA VAL A 387 -1.40 -57.62 -31.23
C VAL A 387 -0.23 -57.75 -32.20
N VAL A 388 0.95 -58.05 -31.66
CA VAL A 388 2.15 -58.29 -32.45
C VAL A 388 2.79 -59.58 -31.99
N SER A 389 3.65 -60.14 -32.83
CA SER A 389 4.34 -61.38 -32.53
C SER A 389 5.53 -61.09 -31.62
N ASP A 390 6.36 -62.12 -31.39
CA ASP A 390 7.52 -61.99 -30.52
C ASP A 390 8.84 -62.02 -31.27
N LYS A 391 8.89 -62.64 -32.45
CA LYS A 391 10.13 -62.69 -33.22
C LYS A 391 10.53 -61.31 -33.73
N ASP A 392 9.55 -60.44 -33.97
CA ASP A 392 9.85 -59.09 -34.44
C ASP A 392 10.58 -58.29 -33.37
N VAL A 393 10.19 -58.45 -32.11
CA VAL A 393 10.81 -57.70 -31.02
C VAL A 393 12.20 -58.24 -30.75
N LYS A 394 13.18 -57.35 -30.67
CA LYS A 394 14.56 -57.70 -30.41
C LYS A 394 14.98 -57.46 -28.97
N GLY A 395 14.02 -57.20 -28.07
CA GLY A 395 14.36 -56.88 -26.70
C GLY A 395 13.82 -57.87 -25.68
N VAL A 396 12.69 -58.52 -25.99
CA VAL A 396 12.05 -59.44 -25.06
C VAL A 396 11.74 -60.74 -25.79
N ASP A 397 11.73 -61.84 -25.05
CA ASP A 397 11.42 -63.17 -25.57
C ASP A 397 10.35 -63.78 -24.66
N VAL A 398 9.09 -63.56 -25.00
CA VAL A 398 7.97 -64.04 -24.19
C VAL A 398 7.71 -65.51 -24.48
N ALA A 399 6.92 -66.16 -23.63
CA ALA A 399 6.58 -67.56 -23.78
C ALA A 399 5.07 -67.72 -23.92
N ALA A 400 4.61 -68.96 -23.94
CA ALA A 400 3.19 -69.23 -24.10
C ALA A 400 2.41 -68.79 -22.87
N GLY A 401 1.20 -68.30 -23.10
CA GLY A 401 0.34 -67.83 -22.02
C GLY A 401 0.88 -66.62 -21.30
N GLU A 402 1.53 -65.71 -22.02
CA GLU A 402 2.10 -64.50 -21.44
C GLU A 402 1.86 -63.32 -22.37
N ALA A 403 1.43 -62.20 -21.80
CA ALA A 403 1.18 -60.97 -22.55
C ALA A 403 1.89 -59.82 -21.86
N VAL A 404 2.69 -59.07 -22.62
CA VAL A 404 3.48 -57.97 -22.10
C VAL A 404 3.06 -56.70 -22.81
N PHE A 405 2.80 -55.66 -22.02
CA PHE A 405 2.42 -54.36 -22.56
C PHE A 405 3.66 -53.53 -22.89
N SER A 406 3.44 -52.41 -23.57
CA SER A 406 4.52 -51.54 -24.01
C SER A 406 4.10 -50.08 -23.88
N GLY A 407 5.09 -49.20 -23.86
CA GLY A 407 4.84 -47.77 -23.78
C GLY A 407 4.61 -47.27 -22.37
N TYR A 408 4.67 -45.95 -22.19
CA TYR A 408 4.47 -45.34 -20.88
C TYR A 408 3.19 -44.53 -20.81
N THR A 409 3.04 -43.53 -21.67
CA THR A 409 1.82 -42.73 -21.79
C THR A 409 1.39 -42.17 -20.42
N ASP A 410 2.21 -41.23 -19.92
CA ASP A 410 2.02 -40.67 -18.59
C ASP A 410 0.58 -40.23 -18.33
N LEU A 411 -0.14 -39.82 -19.38
CA LEU A 411 -1.56 -39.54 -19.22
C LEU A 411 -2.35 -40.79 -18.87
N LEU A 412 -2.01 -41.92 -19.48
CA LEU A 412 -2.78 -43.15 -19.29
C LEU A 412 -2.68 -43.63 -17.85
N GLN A 413 -1.50 -43.54 -17.23
CA GLN A 413 -1.34 -44.06 -15.88
C GLN A 413 -2.21 -43.33 -14.87
N LYS A 414 -2.52 -42.05 -15.14
CA LYS A 414 -3.39 -41.29 -14.26
C LYS A 414 -4.87 -41.63 -14.46
N ILE A 415 -5.23 -42.26 -15.58
CA ILE A 415 -6.62 -42.55 -15.88
C ILE A 415 -6.84 -44.06 -15.95
N MET A 416 -6.07 -44.74 -16.79
CA MET A 416 -6.23 -46.18 -17.01
C MET A 416 -5.23 -46.91 -16.13
N VAL A 417 -5.58 -47.02 -14.85
CA VAL A 417 -4.74 -47.71 -13.88
C VAL A 417 -4.91 -49.21 -14.05
N PHE A 418 -3.79 -49.94 -14.09
CA PHE A 418 -3.80 -51.37 -14.31
C PHE A 418 -3.46 -52.12 -13.02
N LYS A 419 -4.17 -53.22 -12.80
CA LYS A 419 -3.94 -54.08 -11.64
C LYS A 419 -2.78 -55.03 -11.94
N ASP A 420 -2.59 -56.02 -11.06
CA ASP A 420 -1.55 -57.03 -11.22
C ASP A 420 -2.06 -58.12 -12.17
N SER A 421 -1.39 -59.27 -12.18
CA SER A 421 -1.76 -60.36 -13.07
C SER A 421 -3.18 -60.86 -12.75
N GLY A 422 -3.78 -61.51 -13.74
CA GLY A 422 -5.14 -62.00 -13.62
C GLY A 422 -5.51 -62.89 -14.79
N VAL A 423 -6.72 -62.72 -15.33
CA VAL A 423 -7.17 -63.47 -16.49
C VAL A 423 -7.68 -62.48 -17.53
N ILE A 424 -7.26 -62.67 -18.78
CA ILE A 424 -7.67 -61.83 -19.90
C ILE A 424 -8.28 -62.74 -20.96
N LYS A 425 -9.50 -62.42 -21.38
CA LYS A 425 -10.24 -63.25 -22.32
C LYS A 425 -10.11 -62.70 -23.73
N VAL A 426 -9.70 -63.57 -24.66
CA VAL A 426 -9.57 -63.18 -26.06
C VAL A 426 -10.95 -63.29 -26.72
N LYS A 427 -11.43 -62.18 -27.28
CA LYS A 427 -12.74 -62.13 -27.91
C LYS A 427 -12.62 -62.45 -29.40
N SER A 428 -12.34 -63.72 -29.67
CA SER A 428 -12.23 -64.19 -31.04
C SER A 428 -13.61 -64.49 -31.61
N LYS A 429 -13.65 -65.02 -32.84
CA LYS A 429 -14.91 -65.28 -33.50
C LYS A 429 -15.69 -66.39 -32.79
N HIS A 430 -15.06 -67.53 -32.54
CA HIS A 430 -15.73 -68.63 -31.88
C HIS A 430 -14.81 -69.35 -30.89
N GLU A 431 -13.88 -68.63 -30.27
CA GLU A 431 -12.99 -69.22 -29.29
C GLU A 431 -12.51 -68.15 -28.33
N THR A 432 -11.94 -68.59 -27.21
CA THR A 432 -11.47 -67.66 -26.17
C THR A 432 -10.30 -68.32 -25.46
N GLN A 433 -9.08 -67.86 -25.77
CA GLN A 433 -7.89 -68.37 -25.11
C GLN A 433 -7.46 -67.39 -24.03
N PRO A 434 -7.41 -67.78 -22.76
CA PRO A 434 -7.05 -66.85 -21.70
C PRO A 434 -5.56 -66.75 -21.46
N LEU A 435 -5.12 -65.53 -21.13
CA LEU A 435 -3.74 -65.25 -20.77
C LEU A 435 -3.74 -64.42 -19.50
N LYS A 436 -2.57 -63.91 -19.12
CA LYS A 436 -2.44 -63.08 -17.93
C LYS A 436 -1.46 -61.95 -18.22
N TYR A 437 -1.62 -60.86 -17.47
CA TYR A 437 -0.80 -59.66 -17.68
C TYR A 437 0.57 -59.85 -17.03
N LYS A 438 1.62 -59.77 -17.85
CA LYS A 438 2.98 -59.93 -17.34
C LYS A 438 3.51 -58.63 -16.75
N GLY A 439 3.61 -57.59 -17.58
CA GLY A 439 4.17 -56.33 -17.13
C GLY A 439 4.07 -55.28 -18.21
N LEU A 440 4.52 -54.08 -17.87
CA LEU A 440 4.46 -52.93 -18.76
C LEU A 440 5.87 -52.48 -19.13
N ARG A 441 6.13 -52.36 -20.43
CA ARG A 441 7.39 -51.86 -20.93
C ARG A 441 7.33 -50.33 -21.01
N GLU A 442 8.31 -49.72 -21.68
CA GLU A 442 8.35 -48.27 -21.77
C GLU A 442 8.46 -47.78 -23.22
N GLU A 443 9.12 -48.57 -24.06
CA GLU A 443 9.33 -48.16 -25.44
C GLU A 443 8.05 -48.34 -26.26
N PHE A 444 8.03 -47.70 -27.44
CA PHE A 444 6.89 -47.75 -28.34
C PHE A 444 7.26 -48.55 -29.58
N LEU A 445 6.29 -49.33 -30.08
CA LEU A 445 6.52 -50.20 -31.23
C LEU A 445 5.61 -49.92 -32.41
N VAL A 446 4.45 -49.29 -32.21
CA VAL A 446 3.49 -49.05 -33.28
C VAL A 446 3.05 -47.59 -33.22
N SER A 447 2.97 -46.95 -34.39
CA SER A 447 2.56 -45.56 -34.48
C SER A 447 1.11 -45.41 -34.04
N TYR A 448 0.71 -44.16 -33.79
CA TYR A 448 -0.62 -43.89 -33.25
C TYR A 448 -1.74 -44.19 -34.24
N THR A 449 -1.42 -44.43 -35.50
CA THR A 449 -2.47 -44.72 -36.48
C THR A 449 -3.15 -46.06 -36.19
N PHE A 450 -2.36 -47.08 -35.89
CA PHE A 450 -2.87 -48.44 -35.75
C PHE A 450 -3.25 -48.81 -34.31
N THR A 451 -2.97 -47.95 -33.34
CA THR A 451 -3.23 -48.25 -31.94
C THR A 451 -4.40 -47.47 -31.37
N SER A 452 -5.30 -46.99 -32.23
CA SER A 452 -6.48 -46.20 -31.84
C SER A 452 -5.97 -44.93 -31.16
N GLY A 453 -6.56 -44.52 -30.04
CA GLY A 453 -6.13 -43.29 -29.39
C GLY A 453 -4.77 -43.39 -28.73
N GLY A 454 -4.68 -44.16 -27.65
CA GLY A 454 -3.41 -44.32 -26.95
C GLY A 454 -3.22 -45.68 -26.32
N MET A 455 -4.07 -46.65 -26.67
CA MET A 455 -4.03 -47.96 -26.04
C MET A 455 -2.76 -48.70 -26.45
N PRO A 456 -1.97 -49.19 -25.50
CA PRO A 456 -0.75 -49.91 -25.87
C PRO A 456 -1.04 -51.23 -26.58
N ALA A 457 -0.10 -51.64 -27.41
CA ALA A 457 -0.21 -52.92 -28.10
C ALA A 457 0.31 -54.06 -27.22
N VAL A 458 -0.24 -55.25 -27.43
CA VAL A 458 0.11 -56.42 -26.64
C VAL A 458 1.12 -57.26 -27.43
N ILE A 459 1.91 -58.04 -26.70
CA ILE A 459 2.89 -58.94 -27.29
C ILE A 459 2.56 -60.36 -26.83
N VAL A 460 2.43 -61.27 -27.79
CA VAL A 460 2.13 -62.67 -27.51
C VAL A 460 3.29 -63.53 -28.00
N ASP A 461 3.24 -64.81 -27.64
CA ASP A 461 4.27 -65.74 -28.04
C ASP A 461 4.23 -65.96 -29.56
N ASP A 462 5.39 -66.34 -30.11
CA ASP A 462 5.47 -66.62 -31.54
C ASP A 462 4.53 -67.77 -31.92
N SER A 463 4.51 -68.83 -31.11
CA SER A 463 3.62 -69.95 -31.38
C SER A 463 2.16 -69.53 -31.33
N LEU A 464 1.79 -68.71 -30.34
CA LEU A 464 0.42 -68.22 -30.24
C LEU A 464 0.07 -67.34 -31.44
N PHE A 465 1.01 -66.48 -31.85
CA PHE A 465 0.77 -65.65 -33.03
C PHE A 465 0.62 -66.51 -34.28
N LYS A 466 1.26 -67.67 -34.32
CA LYS A 466 1.17 -68.55 -35.48
C LYS A 466 -0.26 -69.00 -35.74
N GLN A 467 -1.11 -69.03 -34.71
CA GLN A 467 -2.53 -69.26 -34.91
C GLN A 467 -3.36 -67.99 -34.91
N LEU A 468 -2.92 -66.96 -34.18
CA LEU A 468 -3.66 -65.69 -34.17
C LEU A 468 -3.70 -65.06 -35.55
N ASP A 469 -2.57 -65.07 -36.26
CA ASP A 469 -2.57 -64.54 -37.63
C ASP A 469 -3.39 -65.42 -38.57
N LYS A 470 -3.41 -66.73 -38.33
CA LYS A 470 -4.22 -67.63 -39.14
C LYS A 470 -5.70 -67.32 -38.97
N ASP A 471 -6.14 -67.05 -37.74
CA ASP A 471 -7.54 -66.71 -37.50
C ASP A 471 -7.92 -65.44 -38.25
N LYS A 472 -7.31 -64.31 -37.87
CA LYS A 472 -7.49 -63.03 -38.55
C LYS A 472 -8.97 -62.67 -38.70
N ASP A 473 -9.62 -62.46 -37.56
CA ASP A 473 -11.02 -62.07 -37.52
C ASP A 473 -11.24 -60.79 -38.31
N PRO A 474 -11.92 -60.85 -39.46
CA PRO A 474 -12.05 -59.67 -40.33
C PRO A 474 -13.26 -58.82 -39.97
N ARG A 475 -13.23 -58.23 -38.78
CA ARG A 475 -14.32 -57.37 -38.32
C ARG A 475 -13.78 -56.03 -37.85
N ILE A 476 -12.54 -56.02 -37.34
CA ILE A 476 -11.96 -54.82 -36.76
C ILE A 476 -10.58 -54.56 -37.37
N GLN A 477 -10.27 -55.28 -38.45
CA GLN A 477 -8.98 -55.09 -39.13
C GLN A 477 -8.94 -53.74 -39.81
N LEU A 478 -7.78 -53.08 -39.73
CA LEU A 478 -7.61 -51.77 -40.33
C LEU A 478 -7.28 -51.91 -41.83
N ALA A 479 -7.14 -50.77 -42.50
CA ALA A 479 -6.87 -50.78 -43.93
C ALA A 479 -5.53 -51.43 -44.24
N GLN A 480 -4.50 -51.12 -43.46
CA GLN A 480 -3.15 -51.63 -43.66
C GLN A 480 -2.68 -52.29 -42.38
N SER A 481 -2.56 -53.62 -42.40
CA SER A 481 -2.07 -54.38 -41.25
C SER A 481 -0.55 -54.58 -41.33
N THR A 482 0.17 -53.47 -41.52
CA THR A 482 1.63 -53.51 -41.62
C THR A 482 2.17 -52.21 -41.08
N PHE A 483 3.44 -52.24 -40.65
CA PHE A 483 4.07 -51.09 -40.04
C PHE A 483 5.37 -50.73 -40.78
N ILE A 484 5.28 -50.61 -42.11
CA ILE A 484 6.45 -50.25 -42.90
C ILE A 484 7.00 -48.93 -42.40
N GLY A 485 8.23 -48.95 -41.88
CA GLY A 485 8.86 -47.76 -41.35
C GLY A 485 10.35 -47.70 -41.65
N VAL A 486 10.79 -46.59 -42.23
CA VAL A 486 12.17 -46.43 -42.66
C VAL A 486 12.92 -45.65 -41.59
N ASN A 487 13.81 -46.33 -40.88
CA ASN A 487 14.66 -45.67 -39.90
C ASN A 487 15.86 -45.01 -40.59
N VAL A 488 16.76 -44.46 -39.78
CA VAL A 488 17.91 -43.74 -40.29
C VAL A 488 19.16 -44.22 -39.55
N LYS A 489 20.31 -43.96 -40.16
CA LYS A 489 21.60 -44.33 -39.58
C LYS A 489 22.00 -43.35 -38.48
N HIS A 490 23.27 -43.38 -38.08
CA HIS A 490 23.79 -42.42 -37.12
C HIS A 490 23.60 -40.99 -37.63
N ASP A 491 23.88 -40.03 -36.76
CA ASP A 491 23.58 -38.63 -37.03
C ASP A 491 24.23 -38.17 -38.33
N ASP A 492 23.42 -37.56 -39.20
CA ASP A 492 23.84 -37.11 -40.51
C ASP A 492 22.98 -35.90 -40.87
N GLN A 493 22.93 -35.58 -42.16
CA GLN A 493 22.07 -34.50 -42.64
C GLN A 493 20.65 -35.05 -42.79
N MET A 494 19.87 -34.98 -41.72
CA MET A 494 18.46 -35.38 -41.81
C MET A 494 17.59 -34.33 -42.49
N GLU A 495 18.09 -33.11 -42.68
CA GLU A 495 17.28 -32.10 -43.35
C GLU A 495 17.00 -32.47 -44.81
N LYS A 496 18.02 -32.94 -45.53
CA LYS A 496 17.79 -33.38 -46.90
C LYS A 496 16.91 -34.62 -46.95
N ALA A 497 17.04 -35.51 -45.97
CA ALA A 497 16.15 -36.66 -45.91
C ALA A 497 14.70 -36.23 -45.70
N ASN A 498 14.48 -35.22 -44.84
CA ASN A 498 13.14 -34.70 -44.64
C ASN A 498 12.61 -34.04 -45.91
N GLU A 499 13.47 -33.33 -46.63
CA GLU A 499 13.05 -32.73 -47.89
C GLU A 499 12.65 -33.80 -48.90
N LEU A 500 13.44 -34.87 -48.99
CA LEU A 500 13.09 -35.97 -49.88
C LEU A 500 11.77 -36.61 -49.48
N PHE A 501 11.57 -36.83 -48.18
CA PHE A 501 10.31 -37.39 -47.72
C PHE A 501 9.15 -36.47 -48.07
N GLN A 502 9.32 -35.17 -47.90
CA GLN A 502 8.26 -34.22 -48.24
C GLN A 502 7.94 -34.24 -49.73
N GLN A 503 8.96 -34.32 -50.58
CA GLN A 503 8.69 -34.34 -52.02
C GLN A 503 8.13 -35.70 -52.45
N VAL A 504 8.33 -36.74 -51.63
CA VAL A 504 7.75 -38.05 -51.96
C VAL A 504 6.23 -38.01 -51.86
N ASN A 505 5.70 -37.47 -50.76
CA ASN A 505 4.25 -37.50 -50.51
C ASN A 505 3.65 -36.18 -50.96
N LYS A 506 3.09 -36.17 -52.17
CA LYS A 506 2.40 -34.99 -52.66
C LYS A 506 1.11 -34.73 -51.89
N LYS A 507 0.45 -35.81 -51.45
CA LYS A 507 -0.79 -35.70 -50.68
C LYS A 507 -0.57 -35.63 -49.18
N ASN A 508 0.70 -35.60 -48.74
CA ASN A 508 1.09 -35.54 -47.32
C ASN A 508 0.23 -36.47 -46.47
N GLU A 509 0.14 -37.72 -46.89
CA GLU A 509 -0.62 -38.75 -46.18
C GLU A 509 0.30 -39.72 -45.43
N HIS A 510 1.40 -39.19 -44.88
CA HIS A 510 2.34 -40.01 -44.11
C HIS A 510 2.76 -39.21 -42.89
N LEU A 511 3.76 -39.72 -42.16
CA LEU A 511 4.17 -39.14 -40.89
C LEU A 511 5.68 -38.98 -40.85
N SER A 512 6.13 -37.84 -40.32
CA SER A 512 7.54 -37.58 -40.10
C SER A 512 7.71 -36.96 -38.71
N ARG A 513 8.85 -37.28 -38.09
CA ARG A 513 9.09 -36.80 -36.72
C ARG A 513 9.32 -35.29 -36.70
N LEU A 514 10.15 -34.79 -37.61
CA LEU A 514 10.53 -33.38 -37.59
C LEU A 514 9.33 -32.47 -37.81
N ASP A 515 8.47 -32.83 -38.77
CA ASP A 515 7.29 -32.01 -39.05
C ASP A 515 6.35 -31.97 -37.85
N THR A 516 6.10 -33.12 -37.24
CA THR A 516 5.20 -33.17 -36.08
C THR A 516 5.77 -32.41 -34.89
N SER A 517 7.09 -32.42 -34.72
CA SER A 517 7.68 -31.62 -33.65
C SER A 517 7.57 -30.13 -33.95
N ALA A 518 7.91 -29.73 -35.18
CA ALA A 518 7.95 -28.31 -35.53
C ALA A 518 6.56 -27.69 -35.48
N ALA A 519 5.54 -28.42 -35.91
CA ALA A 519 4.18 -27.87 -35.89
C ALA A 519 3.76 -27.51 -34.47
N GLN A 520 3.93 -28.46 -33.55
CA GLN A 520 3.57 -28.19 -32.15
C GLN A 520 4.42 -27.07 -31.57
N LYS A 521 5.72 -27.07 -31.89
CA LYS A 521 6.60 -26.04 -31.36
C LYS A 521 6.13 -24.65 -31.78
N SER A 522 5.83 -24.47 -33.08
CA SER A 522 5.38 -23.17 -33.56
C SER A 522 4.03 -22.79 -32.96
N LEU A 523 3.09 -23.75 -32.94
CA LEU A 523 1.74 -23.44 -32.45
C LEU A 523 1.78 -22.99 -31.01
N PHE A 524 2.60 -23.62 -30.18
CA PHE A 524 2.67 -23.20 -28.78
C PHE A 524 3.59 -22.00 -28.56
N GLY A 525 4.58 -21.79 -29.44
CA GLY A 525 5.41 -20.60 -29.32
C GLY A 525 4.65 -19.32 -29.60
N MET A 526 3.69 -19.37 -30.52
CA MET A 526 2.86 -18.19 -30.76
C MET A 526 2.12 -17.78 -29.49
N VAL A 527 1.49 -18.74 -28.82
CA VAL A 527 0.80 -18.47 -27.57
C VAL A 527 1.79 -18.01 -26.50
N MET A 528 2.99 -18.60 -26.48
CA MET A 528 4.02 -18.16 -25.57
C MET A 528 4.28 -16.66 -25.71
N PHE A 529 4.53 -16.22 -26.94
CA PHE A 529 4.85 -14.82 -27.19
C PHE A 529 3.69 -13.91 -26.78
N ILE A 530 2.48 -14.26 -27.20
CA ILE A 530 1.33 -13.41 -26.92
C ILE A 530 1.10 -13.29 -25.42
N VAL A 531 1.06 -14.42 -24.73
CA VAL A 531 0.74 -14.41 -23.30
C VAL A 531 1.87 -13.76 -22.51
N GLY A 532 3.12 -13.98 -22.91
CA GLY A 532 4.23 -13.36 -22.20
C GLY A 532 4.19 -11.84 -22.26
N PHE A 533 3.95 -11.30 -23.46
CA PHE A 533 3.89 -9.85 -23.56
C PHE A 533 2.66 -9.29 -22.84
N LEU A 534 1.51 -9.95 -23.00
CA LEU A 534 0.29 -9.49 -22.36
C LEU A 534 0.33 -9.64 -20.84
N GLY A 535 1.23 -10.47 -20.32
CA GLY A 535 1.41 -10.60 -18.89
C GLY A 535 2.42 -9.61 -18.35
N LEU A 536 3.46 -9.32 -19.14
CA LEU A 536 4.40 -8.28 -18.74
C LEU A 536 3.73 -6.92 -18.64
N THR A 537 2.83 -6.63 -19.58
CA THR A 537 2.10 -5.36 -19.51
C THR A 537 1.29 -5.26 -18.22
N PHE A 538 0.58 -6.33 -17.86
CA PHE A 538 -0.20 -6.29 -16.64
C PHE A 538 0.67 -6.24 -15.40
N LEU A 539 1.84 -6.88 -15.42
CA LEU A 539 2.76 -6.79 -14.29
C LEU A 539 3.16 -5.34 -14.06
N ILE A 540 3.55 -4.64 -15.13
CA ILE A 540 3.93 -3.23 -15.01
C ILE A 540 2.76 -2.41 -14.49
N THR A 541 1.56 -2.66 -15.04
CA THR A 541 0.37 -1.91 -14.62
C THR A 541 0.09 -2.10 -13.14
N SER A 542 0.07 -3.35 -12.67
CA SER A 542 -0.25 -3.62 -11.27
C SER A 542 0.80 -3.03 -10.35
N GLY A 543 2.08 -3.12 -10.73
CA GLY A 543 3.12 -2.50 -9.92
C GLY A 543 2.94 -1.01 -9.80
N CYS A 544 2.63 -0.33 -10.91
CA CYS A 544 2.42 1.10 -10.86
C CYS A 544 1.22 1.46 -9.98
N ILE A 545 0.12 0.70 -10.11
CA ILE A 545 -1.06 1.00 -9.30
C ILE A 545 -0.77 0.82 -7.82
N LEU A 546 -0.08 -0.26 -7.46
CA LEU A 546 0.23 -0.48 -6.05
C LEU A 546 1.16 0.61 -5.50
N TYR A 547 2.16 1.01 -6.30
CA TYR A 547 3.06 2.07 -5.86
C TYR A 547 2.30 3.38 -5.65
N PHE A 548 1.37 3.70 -6.56
CA PHE A 548 0.57 4.91 -6.40
C PHE A 548 -0.32 4.83 -5.16
N LYS A 549 -0.89 3.66 -4.89
CA LYS A 549 -1.73 3.52 -3.70
C LYS A 549 -0.93 3.60 -2.42
N GLN A 550 0.36 3.24 -2.47
CA GLN A 550 1.20 3.29 -1.29
C GLN A 550 1.64 4.71 -0.93
N MET A 551 1.33 5.71 -1.76
CA MET A 551 1.77 7.07 -1.47
C MET A 551 0.96 7.72 -0.36
N GLY A 552 -0.30 7.33 -0.19
CA GLY A 552 -1.12 7.94 0.85
C GLY A 552 -0.66 7.64 2.25
N GLU A 553 -0.12 6.43 2.48
CA GLU A 553 0.31 6.04 3.82
C GLU A 553 1.44 6.92 4.33
N SER A 554 2.30 7.41 3.44
CA SER A 554 3.40 8.27 3.85
C SER A 554 2.85 9.56 4.47
N GLU A 555 1.95 10.24 3.77
CA GLU A 555 1.40 11.49 4.26
C GLU A 555 0.39 11.31 5.38
N ASP A 556 -0.20 10.11 5.52
CA ASP A 556 -1.19 9.86 6.55
C ASP A 556 -0.60 9.28 7.84
N GLU A 557 0.72 9.12 7.91
CA GLU A 557 1.37 8.57 9.09
C GLU A 557 2.45 9.49 9.67
N LYS A 558 2.60 10.69 9.12
CA LYS A 558 3.59 11.62 9.65
C LYS A 558 3.38 11.97 11.12
N PRO A 559 2.15 12.21 11.63
CA PRO A 559 2.00 12.44 13.07
C PRO A 559 2.01 11.13 13.87
N SER A 560 2.91 10.23 13.49
CA SER A 560 3.39 9.12 14.29
C SER A 560 4.90 9.03 14.26
N TYR A 561 5.52 9.29 13.10
CA TYR A 561 6.96 9.40 13.03
C TYR A 561 7.45 10.64 13.78
N THR A 562 6.69 11.74 13.70
CA THR A 562 7.10 12.94 14.42
C THR A 562 7.01 12.76 15.92
N ILE A 563 6.30 11.75 16.41
CA ILE A 563 6.23 11.45 17.83
C ILE A 563 7.25 10.39 18.23
N LEU A 564 7.46 9.38 17.37
CA LEU A 564 8.46 8.37 17.66
C LEU A 564 9.86 8.98 17.73
N ARG A 565 10.15 9.93 16.83
CA ARG A 565 11.48 10.54 16.82
C ARG A 565 11.71 11.45 18.02
N LYS A 566 10.65 11.82 18.74
CA LYS A 566 10.78 12.65 19.94
C LYS A 566 10.89 11.81 21.21
N LEU A 567 10.93 10.47 21.09
CA LEU A 567 11.10 9.59 22.23
C LEU A 567 12.52 9.05 22.36
N GLY A 568 13.35 9.21 21.34
CA GLY A 568 14.72 8.75 21.40
C GLY A 568 15.15 7.96 20.17
N PHE A 569 14.19 7.51 19.38
CA PHE A 569 14.50 6.69 18.21
C PHE A 569 15.13 7.54 17.11
N THR A 570 15.90 6.88 16.26
CA THR A 570 16.58 7.52 15.14
C THR A 570 16.01 7.01 13.82
N GLN A 571 16.40 7.69 12.73
CA GLN A 571 15.92 7.30 11.41
C GLN A 571 16.41 5.90 11.03
N GLY A 572 17.65 5.57 11.38
CA GLY A 572 18.20 4.26 11.07
C GLY A 572 17.46 3.12 11.75
N ASP A 573 16.72 3.42 12.82
CA ASP A 573 15.91 2.41 13.49
C ASP A 573 14.48 2.35 12.96
N LEU A 574 13.96 3.45 12.41
CA LEU A 574 12.65 3.44 11.80
C LEU A 574 12.68 2.81 10.40
N ILE A 575 13.81 2.97 9.69
CA ILE A 575 13.89 2.49 8.32
C ILE A 575 13.78 0.97 8.27
N LYS A 576 14.34 0.27 9.27
CA LYS A 576 14.24 -1.18 9.29
C LYS A 576 12.80 -1.64 9.46
N GLY A 577 12.06 -1.00 10.37
CA GLY A 577 10.64 -1.32 10.51
C GLY A 577 9.86 -1.02 9.24
N ILE A 578 10.20 0.09 8.57
CA ILE A 578 9.56 0.40 7.29
C ILE A 578 9.83 -0.69 6.27
N ARG A 579 11.07 -1.17 6.21
CA ARG A 579 11.42 -2.24 5.27
C ARG A 579 10.61 -3.49 5.55
N ILE A 580 10.56 -3.92 6.81
CA ILE A 580 9.87 -5.18 7.12
C ILE A 580 8.36 -5.02 7.11
N LYS A 581 7.84 -3.79 7.09
CA LYS A 581 6.42 -3.61 6.84
C LYS A 581 6.12 -3.68 5.36
N GLN A 582 6.93 -3.01 4.53
CA GLN A 582 6.76 -3.08 3.09
C GLN A 582 6.92 -4.50 2.58
N MET A 583 7.76 -5.31 3.22
CA MET A 583 7.92 -6.69 2.81
C MET A 583 6.58 -7.43 2.85
N TYR A 584 5.90 -7.38 4.00
CA TYR A 584 4.59 -8.04 4.10
C TYR A 584 3.58 -7.40 3.16
N ASN A 585 3.57 -6.07 3.11
CA ASN A 585 2.55 -5.36 2.32
C ASN A 585 2.63 -5.73 0.84
N PHE A 586 3.85 -5.85 0.30
CA PHE A 586 4.03 -6.22 -1.09
C PHE A 586 4.13 -7.72 -1.31
N GLY A 587 4.21 -8.52 -0.24
CA GLY A 587 4.37 -9.94 -0.41
C GLY A 587 3.13 -10.79 -0.23
N ILE A 588 2.16 -10.31 0.56
CA ILE A 588 0.95 -11.12 0.78
C ILE A 588 0.21 -11.43 -0.52
N PRO A 589 -0.14 -10.45 -1.37
CA PRO A 589 -0.82 -10.82 -2.62
C PRO A 589 0.02 -11.71 -3.53
N LEU A 590 1.33 -11.51 -3.56
CA LEU A 590 2.20 -12.35 -4.38
C LEU A 590 2.16 -13.80 -3.90
N VAL A 591 2.21 -14.01 -2.58
CA VAL A 591 2.16 -15.37 -2.06
C VAL A 591 0.82 -16.01 -2.37
N VAL A 592 -0.28 -15.27 -2.20
CA VAL A 592 -1.59 -15.85 -2.51
C VAL A 592 -1.69 -16.21 -3.99
N GLY A 593 -1.19 -15.34 -4.87
CA GLY A 593 -1.21 -15.64 -6.29
C GLY A 593 -0.36 -16.85 -6.65
N LEU A 594 0.81 -16.97 -6.02
CA LEU A 594 1.65 -18.13 -6.27
C LEU A 594 0.97 -19.42 -5.84
N PHE A 595 0.30 -19.39 -4.68
CA PHE A 595 -0.42 -20.58 -4.23
C PHE A 595 -1.55 -20.94 -5.20
N HIS A 596 -2.30 -19.93 -5.66
CA HIS A 596 -3.35 -20.19 -6.64
C HIS A 596 -2.79 -20.82 -7.90
N SER A 597 -1.70 -20.25 -8.43
CA SER A 597 -1.12 -20.78 -9.66
C SER A 597 -0.61 -22.20 -9.47
N TYR A 598 0.04 -22.47 -8.33
CA TYR A 598 0.59 -23.80 -8.09
C TYR A 598 -0.52 -24.84 -7.99
N PHE A 599 -1.60 -24.51 -7.29
CA PHE A 599 -2.69 -25.47 -7.18
C PHE A 599 -3.58 -25.52 -8.42
N ALA A 600 -3.41 -24.58 -9.36
CA ALA A 600 -4.05 -24.67 -10.66
C ALA A 600 -3.27 -25.49 -11.66
N VAL A 601 -1.93 -25.37 -11.66
CA VAL A 601 -1.12 -26.14 -12.59
C VAL A 601 -1.14 -27.62 -12.24
N GLN A 602 -1.10 -27.95 -10.94
CA GLN A 602 -0.98 -29.33 -10.51
C GLN A 602 -2.20 -30.17 -10.86
N SER A 603 -3.33 -29.56 -11.20
CA SER A 603 -4.49 -30.29 -11.67
C SER A 603 -4.61 -30.33 -13.19
N GLY A 604 -3.61 -29.83 -13.90
CA GLY A 604 -3.69 -29.75 -15.34
C GLY A 604 -2.50 -30.33 -16.09
N TRP A 605 -1.51 -30.84 -15.38
CA TRP A 605 -0.38 -31.48 -16.04
C TRP A 605 -0.81 -32.91 -16.39
N PHE A 606 0.16 -33.75 -16.78
CA PHE A 606 -0.05 -35.10 -17.29
C PHE A 606 -1.05 -35.11 -18.43
N LEU A 607 -1.34 -33.94 -18.99
CA LEU A 607 -2.22 -33.78 -20.13
C LEU A 607 -1.66 -32.87 -21.20
N PHE A 608 -0.77 -31.94 -20.86
CA PHE A 608 -0.05 -31.15 -21.84
C PHE A 608 1.33 -31.70 -22.15
N GLY A 609 1.75 -32.76 -21.48
CA GLY A 609 2.97 -33.46 -21.86
C GLY A 609 4.09 -33.54 -20.85
N SER A 610 4.28 -34.74 -20.29
CA SER A 610 5.54 -35.19 -19.70
C SER A 610 5.98 -34.29 -18.54
N GLU A 611 7.14 -33.65 -18.59
CA GLU A 611 7.84 -33.16 -17.41
C GLU A 611 7.25 -31.86 -16.88
N VAL A 612 7.30 -31.74 -15.55
CA VAL A 612 6.91 -30.51 -14.85
C VAL A 612 7.87 -30.34 -13.68
N TRP A 613 7.75 -29.21 -12.98
CA TRP A 613 8.70 -28.66 -12.00
C TRP A 613 9.92 -28.07 -12.69
N ALA A 614 10.03 -28.25 -14.00
CA ALA A 614 11.04 -27.52 -14.76
C ALA A 614 10.55 -26.12 -15.13
N PRO A 615 9.32 -25.95 -15.67
CA PRO A 615 8.88 -24.61 -16.07
C PRO A 615 8.31 -23.77 -14.94
N MET A 616 7.71 -24.42 -13.96
CA MET A 616 6.94 -23.69 -12.94
C MET A 616 7.84 -22.76 -12.13
N ILE A 617 8.94 -23.31 -11.61
CA ILE A 617 9.89 -22.49 -10.85
C ILE A 617 10.56 -21.47 -11.77
N MET A 618 10.88 -21.88 -13.00
CA MET A 618 11.52 -20.98 -13.95
C MET A 618 10.63 -19.80 -14.32
N VAL A 619 9.32 -19.91 -14.11
CA VAL A 619 8.41 -18.80 -14.35
C VAL A 619 8.19 -17.97 -13.10
N MET A 620 7.98 -18.63 -11.95
CA MET A 620 7.74 -17.88 -10.71
C MET A 620 8.96 -17.08 -10.28
N VAL A 621 10.16 -17.61 -10.50
CA VAL A 621 11.37 -16.87 -10.14
C VAL A 621 11.47 -15.57 -10.94
N LEU A 622 11.22 -15.66 -12.24
CA LEU A 622 11.25 -14.46 -13.09
C LEU A 622 10.16 -13.48 -12.67
N TYR A 623 8.97 -13.99 -12.35
CA TYR A 623 7.88 -13.10 -11.94
C TYR A 623 8.23 -12.35 -10.67
N THR A 624 8.78 -13.05 -9.68
CA THR A 624 9.18 -12.39 -8.44
C THR A 624 10.30 -11.39 -8.67
N ALA A 625 11.28 -11.74 -9.51
CA ALA A 625 12.38 -10.84 -9.80
C ALA A 625 11.89 -9.57 -10.48
N LEU A 626 10.90 -9.67 -11.36
CA LEU A 626 10.35 -8.48 -11.99
C LEU A 626 9.33 -7.76 -11.12
N TYR A 627 8.86 -8.39 -10.05
CA TYR A 627 7.89 -7.78 -9.14
C TYR A 627 8.53 -7.07 -7.95
N SER A 628 9.78 -7.39 -7.61
CA SER A 628 10.41 -6.79 -6.43
C SER A 628 10.78 -5.31 -6.62
N ILE A 629 10.81 -4.81 -7.84
CA ILE A 629 11.33 -3.47 -8.10
C ILE A 629 10.46 -2.41 -7.45
N PHE A 630 9.14 -2.53 -7.61
CA PHE A 630 8.24 -1.54 -7.02
C PHE A 630 8.26 -1.61 -5.50
N GLY A 631 8.45 -2.80 -4.94
CA GLY A 631 8.63 -2.92 -3.51
C GLY A 631 9.85 -2.18 -3.02
N PHE A 632 10.95 -2.26 -3.77
CA PHE A 632 12.14 -1.48 -3.42
C PHE A 632 11.88 0.02 -3.52
N LEU A 633 11.19 0.43 -4.59
CA LEU A 633 10.93 1.86 -4.79
C LEU A 633 10.03 2.44 -3.71
N SER A 634 9.10 1.66 -3.19
CA SER A 634 8.23 2.15 -2.12
C SER A 634 9.04 2.50 -0.87
N VAL A 635 9.99 1.65 -0.51
CA VAL A 635 10.88 1.94 0.62
C VAL A 635 11.74 3.16 0.31
N LEU A 636 12.24 3.24 -0.93
CA LEU A 636 13.02 4.41 -1.32
C LEU A 636 12.22 5.70 -1.15
N TYR A 637 10.91 5.65 -1.39
CA TYR A 637 10.08 6.83 -1.17
C TYR A 637 9.84 7.09 0.31
N TYR A 638 9.57 6.02 1.09
CA TYR A 638 9.37 6.19 2.52
C TYR A 638 10.57 6.84 3.20
N LYS A 639 11.77 6.60 2.67
CA LYS A 639 12.96 7.20 3.28
C LYS A 639 12.88 8.72 3.26
N LYS A 640 12.32 9.30 2.19
CA LYS A 640 12.24 10.76 2.08
C LYS A 640 11.33 11.35 3.14
N VAL A 641 10.12 10.80 3.29
CA VAL A 641 9.19 11.32 4.28
C VAL A 641 9.69 11.05 5.70
N ILE A 642 10.44 9.96 5.89
CA ILE A 642 11.04 9.72 7.20
C ILE A 642 12.07 10.80 7.52
N LYS A 643 12.89 11.16 6.52
CA LYS A 643 13.93 12.16 6.75
C LYS A 643 13.34 13.53 7.08
N SER A 644 12.15 13.83 6.57
CA SER A 644 11.51 15.13 6.78
C SER A 644 10.45 15.09 7.85
N SER A 645 10.37 14.01 8.64
CA SER A 645 9.35 13.92 9.68
C SER A 645 9.54 14.97 10.76
N LEU A 646 10.79 15.21 11.16
CA LEU A 646 11.08 16.19 12.20
C LEU A 646 10.78 17.60 11.74
N ILE B 11 25.95 14.48 40.74
CA ILE B 11 25.91 13.96 39.38
C ILE B 11 26.09 15.09 38.38
N LEU B 12 25.09 15.95 38.28
CA LEU B 12 25.16 17.09 37.36
C LEU B 12 26.23 18.06 37.80
N GLU B 13 26.93 18.64 36.81
CA GLU B 13 28.00 19.59 37.10
C GLU B 13 28.07 20.56 35.92
N ALA B 14 27.47 21.74 36.10
CA ALA B 14 27.48 22.79 35.09
C ALA B 14 28.51 23.84 35.48
N ASN B 15 29.37 24.22 34.53
CA ASN B 15 30.45 25.16 34.77
C ASN B 15 30.46 26.19 33.65
N LYS B 16 29.84 27.35 33.90
CA LYS B 16 29.86 28.47 32.97
C LYS B 16 29.34 28.08 31.58
N ILE B 17 28.26 27.29 31.55
CA ILE B 17 27.65 26.93 30.28
C ILE B 17 26.91 28.13 29.72
N ARG B 18 27.27 28.53 28.50
CA ARG B 18 26.74 29.74 27.88
C ARG B 18 26.35 29.43 26.44
N LYS B 19 25.23 30.00 26.01
CA LYS B 19 24.72 29.81 24.66
C LYS B 19 24.43 31.16 24.03
N SER B 20 24.82 31.32 22.77
CA SER B 20 24.60 32.54 22.01
C SER B 20 23.64 32.25 20.87
N TYR B 21 22.58 33.06 20.77
CA TYR B 21 21.59 32.91 19.72
C TYR B 21 22.04 33.68 18.49
N GLY B 22 22.43 32.95 17.44
CA GLY B 22 22.89 33.58 16.23
C GLY B 22 22.25 33.03 14.97
N ASN B 23 21.81 33.93 14.09
CA ASN B 23 21.19 33.57 12.83
C ASN B 23 22.02 34.07 11.65
N LYS B 24 23.34 34.04 11.81
CA LYS B 24 24.34 34.46 10.83
C LYS B 24 24.32 35.96 10.56
N LEU B 25 23.42 36.71 11.20
CA LEU B 25 23.36 38.16 11.03
C LEU B 25 23.23 38.93 12.34
N ASN B 26 22.73 38.31 13.41
CA ASN B 26 22.57 38.97 14.68
C ASN B 26 22.87 37.98 15.81
N LYS B 27 23.52 38.46 16.85
CA LYS B 27 23.87 37.64 18.00
C LYS B 27 23.28 38.26 19.27
N GLN B 28 22.45 37.50 19.96
CA GLN B 28 21.83 37.94 21.22
C GLN B 28 22.02 36.82 22.24
N GLU B 29 23.09 36.91 23.01
CA GLU B 29 23.37 35.89 24.02
C GLU B 29 22.33 35.94 25.12
N VAL B 30 21.88 34.77 25.55
CA VAL B 30 20.87 34.66 26.60
C VAL B 30 21.40 33.98 27.86
N LEU B 31 22.48 33.20 27.78
CA LEU B 31 23.04 32.49 28.92
C LEU B 31 24.42 33.08 29.21
N LYS B 32 24.55 33.76 30.35
CA LYS B 32 25.79 34.41 30.75
C LYS B 32 26.13 34.02 32.19
N GLY B 33 26.81 32.89 32.36
CA GLY B 33 27.32 32.50 33.66
C GLY B 33 26.39 31.57 34.42
N ILE B 34 26.73 30.29 34.46
CA ILE B 34 25.91 29.28 35.12
C ILE B 34 26.82 28.42 36.01
N ASP B 35 26.38 28.21 37.26
CA ASP B 35 27.11 27.35 38.19
C ASP B 35 26.06 26.58 38.99
N ILE B 36 25.86 25.31 38.63
CA ILE B 36 24.85 24.46 39.27
C ILE B 36 25.56 23.27 39.90
N HIS B 37 25.29 23.03 41.18
CA HIS B 37 25.82 21.89 41.92
C HIS B 37 24.64 21.04 42.36
N ILE B 38 24.49 19.87 41.73
CA ILE B 38 23.38 18.96 42.03
C ILE B 38 23.96 17.64 42.47
N GLU B 39 23.56 17.19 43.65
CA GLU B 39 23.97 15.89 44.20
C GLU B 39 22.89 14.85 43.90
N LYS B 40 23.26 13.59 44.07
CA LYS B 40 22.34 12.49 43.80
C LYS B 40 21.23 12.47 44.85
N GLY B 41 19.98 12.55 44.40
CA GLY B 41 18.85 12.39 45.29
C GLY B 41 18.27 13.68 45.86
N GLU B 42 17.93 14.63 45.00
CA GLU B 42 17.21 15.82 45.44
C GLU B 42 16.11 16.14 44.43
N PHE B 43 15.29 17.13 44.78
CA PHE B 43 14.14 17.56 43.98
C PHE B 43 14.25 19.07 43.82
N VAL B 44 14.93 19.52 42.76
CA VAL B 44 15.20 20.92 42.54
C VAL B 44 14.21 21.46 41.50
N SER B 45 14.13 22.78 41.40
CA SER B 45 13.23 23.44 40.46
C SER B 45 13.89 24.69 39.90
N ILE B 46 13.55 25.01 38.65
CA ILE B 46 14.02 26.21 37.97
C ILE B 46 12.81 27.05 37.62
N MET B 47 12.84 28.34 38.01
CA MET B 47 11.75 29.24 37.73
C MET B 47 12.25 30.67 37.72
N GLY B 48 11.44 31.56 37.16
CA GLY B 48 11.77 32.97 37.13
C GLY B 48 11.42 33.65 35.82
N ALA B 49 10.66 34.75 35.91
CA ALA B 49 10.27 35.55 34.75
C ALA B 49 9.53 34.73 33.71
N SER B 50 9.36 35.29 32.51
CA SER B 50 8.69 34.60 31.41
C SER B 50 9.44 34.69 30.09
N GLY B 51 10.43 35.57 29.97
CA GLY B 51 11.22 35.68 28.76
C GLY B 51 12.69 35.47 29.01
N SER B 52 13.02 34.79 30.10
CA SER B 52 14.41 34.53 30.48
C SER B 52 14.91 33.29 29.74
N GLY B 53 16.10 32.81 30.12
CA GLY B 53 16.71 31.69 29.45
C GLY B 53 16.57 30.37 30.19
N LYS B 54 15.55 30.27 31.06
CA LYS B 54 15.37 29.04 31.83
C LYS B 54 15.07 27.86 30.93
N THR B 55 14.21 28.05 29.92
CA THR B 55 13.93 26.98 28.96
C THR B 55 15.19 26.60 28.20
N THR B 56 15.96 27.59 27.75
CA THR B 56 17.23 27.30 27.09
C THR B 56 18.21 26.63 28.04
N LEU B 57 18.20 27.04 29.31
CA LEU B 57 19.06 26.41 30.30
C LEU B 57 18.73 24.92 30.45
N LEU B 58 17.44 24.60 30.53
CA LEU B 58 17.04 23.20 30.64
C LEU B 58 17.38 22.43 29.36
N ASN B 59 17.21 23.07 28.19
CA ASN B 59 17.51 22.40 26.94
C ASN B 59 18.99 22.13 26.79
N VAL B 60 19.85 23.04 27.25
CA VAL B 60 21.29 22.84 27.09
C VAL B 60 21.85 21.94 28.19
N LEU B 61 21.21 21.90 29.35
CA LEU B 61 21.65 20.97 30.40
C LEU B 61 21.48 19.52 29.95
N SER B 62 20.38 19.23 29.26
CA SER B 62 20.17 17.90 28.70
C SER B 62 20.93 17.78 27.37
N SER B 63 20.68 16.70 26.64
CA SER B 63 21.31 16.48 25.35
C SER B 63 20.40 16.83 24.17
N ILE B 64 19.25 17.44 24.43
CA ILE B 64 18.33 17.79 23.36
C ILE B 64 18.86 18.96 22.53
N ASP B 65 19.76 19.77 23.08
CA ASP B 65 20.32 20.92 22.39
C ASP B 65 21.83 20.95 22.58
N GLN B 66 22.52 21.56 21.62
CA GLN B 66 23.97 21.63 21.65
C GLN B 66 24.43 22.71 22.62
N VAL B 67 25.75 22.84 22.75
CA VAL B 67 26.36 23.82 23.65
C VAL B 67 27.24 24.75 22.83
N SER B 68 27.51 25.92 23.40
CA SER B 68 28.36 26.92 22.75
C SER B 68 29.62 27.21 23.56
N HIS B 69 29.49 27.54 24.84
CA HIS B 69 30.64 27.83 25.69
C HIS B 69 30.33 27.32 27.09
N GLY B 70 30.94 26.21 27.46
CA GLY B 70 30.75 25.67 28.80
C GLY B 70 31.14 24.21 28.85
N THR B 71 31.18 23.69 30.09
CA THR B 71 31.52 22.30 30.35
C THR B 71 30.44 21.68 31.24
N ILE B 72 29.91 20.55 30.82
CA ILE B 72 28.90 19.82 31.58
C ILE B 72 29.34 18.37 31.73
N HIS B 73 29.23 17.85 32.95
CA HIS B 73 29.61 16.48 33.26
C HIS B 73 28.46 15.80 33.98
N ILE B 74 28.00 14.67 33.45
CA ILE B 74 26.97 13.86 34.07
C ILE B 74 27.57 12.49 34.39
N ASN B 75 27.62 12.16 35.68
CA ASN B 75 28.19 10.89 36.14
C ASN B 75 29.62 10.68 35.67
N GLY B 76 30.37 11.78 35.52
CA GLY B 76 31.75 11.73 35.10
C GLY B 76 31.96 11.69 33.60
N ASN B 77 30.90 11.47 32.82
CA ASN B 77 31.03 11.39 31.37
C ASN B 77 31.22 12.78 30.75
N ASP B 78 31.93 12.82 29.63
CA ASP B 78 32.15 14.05 28.89
C ASP B 78 31.11 14.17 27.78
N MET B 79 30.44 15.31 27.73
CA MET B 79 29.33 15.51 26.79
C MET B 79 29.53 16.69 25.86
N THR B 80 30.30 17.72 26.25
CA THR B 80 30.43 18.91 25.43
C THR B 80 31.06 18.60 24.07
N ALA B 81 32.09 17.74 24.06
CA ALA B 81 32.78 17.35 22.84
C ALA B 81 32.59 15.87 22.54
N MET B 82 31.36 15.38 22.72
CA MET B 82 31.08 13.96 22.57
C MET B 82 30.37 13.74 21.23
N LYS B 83 30.56 12.57 20.64
CA LYS B 83 30.09 12.30 19.30
C LYS B 83 28.57 12.25 19.25
N GLU B 84 28.04 12.48 18.04
CA GLU B 84 26.58 12.57 17.86
C GLU B 84 25.90 11.23 18.06
N LYS B 85 26.42 10.17 17.41
CA LYS B 85 25.83 8.85 17.57
C LYS B 85 25.93 8.38 19.02
N GLN B 86 27.09 8.60 19.65
CA GLN B 86 27.22 8.27 21.06
C GLN B 86 26.32 9.13 21.93
N LEU B 87 26.10 10.39 21.55
CA LEU B 87 25.15 11.22 22.29
C LEU B 87 23.75 10.65 22.22
N ALA B 88 23.33 10.19 21.04
CA ALA B 88 22.02 9.57 20.91
C ALA B 88 21.93 8.28 21.72
N GLU B 89 23.01 7.49 21.71
CA GLU B 89 23.01 6.25 22.51
C GLU B 89 22.89 6.56 24.00
N PHE B 90 23.60 7.58 24.47
CA PHE B 90 23.51 7.98 25.87
C PHE B 90 22.11 8.49 26.21
N ARG B 91 21.53 9.29 25.31
CA ARG B 91 20.18 9.82 25.54
C ARG B 91 19.15 8.71 25.58
N LYS B 92 19.36 7.64 24.81
CA LYS B 92 18.45 6.50 24.86
C LYS B 92 18.69 5.65 26.11
N GLN B 93 19.94 5.52 26.55
CA GLN B 93 20.25 4.66 27.69
C GLN B 93 19.86 5.29 29.02
N HIS B 94 19.99 6.62 29.14
CA HIS B 94 19.66 7.31 30.38
C HIS B 94 18.86 8.57 30.10
N LEU B 95 18.70 9.42 31.12
CA LEU B 95 18.06 10.72 30.97
C LEU B 95 16.60 10.58 30.50
N GLY B 96 15.79 9.96 31.35
CA GLY B 96 14.36 9.90 31.06
C GLY B 96 13.74 11.28 31.03
N PHE B 97 12.74 11.45 30.16
CA PHE B 97 12.14 12.75 29.89
C PHE B 97 10.65 12.73 30.19
N ILE B 98 10.15 13.82 30.78
CA ILE B 98 8.73 14.07 30.92
C ILE B 98 8.42 15.37 30.17
N PHE B 99 7.48 15.30 29.24
CA PHE B 99 7.22 16.41 28.33
C PHE B 99 6.03 17.24 28.81
N GLN B 100 5.91 18.44 28.24
CA GLN B 100 4.78 19.31 28.55
C GLN B 100 3.46 18.69 28.09
N ASP B 101 3.47 18.09 26.90
CA ASP B 101 2.29 17.45 26.34
C ASP B 101 2.37 15.93 26.55
N TYR B 102 1.29 15.24 26.17
CA TYR B 102 1.17 13.82 26.46
C TYR B 102 2.14 13.00 25.63
N ASN B 103 2.19 13.24 24.32
CA ASN B 103 3.04 12.50 23.40
C ASN B 103 2.76 11.00 23.48
N LEU B 104 1.48 10.65 23.50
CA LEU B 104 1.03 9.27 23.63
C LEU B 104 0.54 8.75 22.29
N LEU B 105 1.02 7.58 21.89
CA LEU B 105 0.54 6.94 20.67
C LEU B 105 -0.90 6.48 20.84
N ASP B 106 -1.70 6.67 19.79
CA ASP B 106 -3.13 6.41 19.87
C ASP B 106 -3.50 4.98 19.51
N THR B 107 -2.76 4.33 18.62
CA THR B 107 -3.12 2.99 18.17
C THR B 107 -2.71 1.89 19.14
N LEU B 108 -1.91 2.20 20.15
CA LEU B 108 -1.48 1.22 21.14
C LEU B 108 -2.31 1.39 22.41
N THR B 109 -1.95 0.66 23.46
CA THR B 109 -2.59 0.77 24.76
C THR B 109 -1.60 1.35 25.76
N VAL B 110 -2.02 1.43 27.02
CA VAL B 110 -1.18 2.01 28.07
C VAL B 110 0.07 1.16 28.28
N LYS B 111 -0.11 -0.16 28.37
CA LYS B 111 1.01 -1.05 28.66
C LYS B 111 2.06 -0.97 27.57
N GLU B 112 1.65 -1.08 26.30
CA GLU B 112 2.60 -0.95 25.20
C GLU B 112 3.23 0.44 25.17
N ASN B 113 2.43 1.49 25.41
CA ASN B 113 2.96 2.84 25.35
C ASN B 113 4.06 3.06 26.37
N ILE B 114 3.88 2.54 27.59
CA ILE B 114 4.88 2.77 28.64
C ILE B 114 5.92 1.66 28.73
N LEU B 115 5.81 0.61 27.91
CA LEU B 115 6.81 -0.45 27.91
C LEU B 115 7.61 -0.54 26.62
N LEU B 116 7.21 0.21 25.58
CA LEU B 116 7.95 0.17 24.31
C LEU B 116 9.41 0.59 24.43
N PRO B 117 9.77 1.69 25.14
CA PRO B 117 11.18 2.10 25.15
C PRO B 117 12.13 1.09 25.78
N LEU B 118 11.59 -0.01 26.29
CA LEU B 118 12.41 -1.09 26.82
C LEU B 118 12.73 -2.15 25.78
N SER B 119 12.28 -1.97 24.53
CA SER B 119 12.52 -2.96 23.49
C SER B 119 13.96 -2.95 22.99
N ILE B 120 14.63 -1.81 23.05
CA ILE B 120 15.99 -1.71 22.51
C ILE B 120 16.93 -2.61 23.30
N THR B 121 16.89 -2.51 24.62
CA THR B 121 17.64 -3.41 25.49
C THR B 121 16.75 -4.60 25.83
N LYS B 122 17.05 -5.75 25.24
CA LYS B 122 16.18 -6.93 25.36
C LYS B 122 16.34 -7.54 26.74
N LEU B 123 15.28 -7.47 27.54
CA LEU B 123 15.23 -8.11 28.86
C LEU B 123 14.23 -9.27 28.88
N SER B 124 13.93 -9.86 27.72
CA SER B 124 13.02 -10.99 27.60
C SER B 124 11.61 -10.65 28.06
N LYS B 125 10.70 -11.62 28.03
CA LYS B 125 9.31 -11.41 28.39
C LYS B 125 9.04 -11.72 29.86
N LYS B 126 10.08 -11.81 30.69
CA LYS B 126 9.92 -12.09 32.11
C LYS B 126 10.33 -10.90 32.97
N GLU B 127 11.56 -10.40 32.80
CA GLU B 127 12.02 -9.28 33.61
C GLU B 127 11.21 -8.02 33.34
N ALA B 128 10.91 -7.75 32.08
CA ALA B 128 10.12 -6.57 31.73
C ALA B 128 8.72 -6.65 32.31
N ASN B 129 8.09 -7.82 32.21
CA ASN B 129 6.74 -7.98 32.75
C ASN B 129 6.74 -7.93 34.28
N ARG B 130 7.83 -8.35 34.91
CA ARG B 130 7.91 -8.24 36.37
C ARG B 130 8.14 -6.79 36.80
N LYS B 131 8.92 -6.04 36.03
CA LYS B 131 9.22 -4.66 36.40
C LYS B 131 8.05 -3.72 36.10
N PHE B 132 7.27 -4.02 35.05
CA PHE B 132 6.15 -3.14 34.71
C PHE B 132 5.12 -3.09 35.83
N GLU B 133 4.82 -4.24 36.46
CA GLU B 133 3.87 -4.25 37.55
C GLU B 133 4.36 -3.42 38.72
N GLU B 134 5.64 -3.55 39.08
CA GLU B 134 6.20 -2.78 40.17
C GLU B 134 6.14 -1.28 39.88
N VAL B 135 6.46 -0.89 38.65
CA VAL B 135 6.46 0.54 38.31
C VAL B 135 5.03 1.07 38.29
N ALA B 136 4.09 0.32 37.74
CA ALA B 136 2.73 0.81 37.52
C ALA B 136 1.84 0.69 38.76
N LYS B 137 2.23 -0.09 39.77
CA LYS B 137 1.44 -0.16 40.98
C LYS B 137 1.73 0.97 41.94
N GLU B 138 2.92 1.56 41.89
CA GLU B 138 3.21 2.74 42.71
C GLU B 138 2.34 3.92 42.30
N LEU B 139 2.15 4.10 40.99
CA LEU B 139 1.32 5.18 40.48
C LEU B 139 -0.17 4.86 40.52
N GLY B 140 -0.53 3.61 40.82
CA GLY B 140 -1.94 3.23 40.88
C GLY B 140 -2.64 3.26 39.54
N ILE B 141 -1.99 2.76 38.49
CA ILE B 141 -2.61 2.65 37.17
C ILE B 141 -2.67 1.19 36.72
N TYR B 142 -2.49 0.25 37.65
CA TYR B 142 -2.54 -1.16 37.30
C TYR B 142 -3.91 -1.59 36.78
N GLU B 143 -4.97 -0.89 37.19
CA GLU B 143 -6.29 -1.15 36.62
C GLU B 143 -6.36 -0.80 35.14
N LEU B 144 -5.52 0.12 34.68
CA LEU B 144 -5.51 0.54 33.28
C LEU B 144 -4.39 -0.19 32.56
N ARG B 145 -4.67 -1.43 32.17
CA ARG B 145 -3.70 -2.25 31.48
C ARG B 145 -4.05 -2.56 30.03
N ASP B 146 -5.32 -2.38 29.64
CA ASP B 146 -5.73 -2.67 28.28
C ASP B 146 -6.65 -1.60 27.71
N LYS B 147 -6.83 -0.48 28.39
CA LYS B 147 -7.67 0.61 27.90
C LYS B 147 -6.85 1.54 27.03
N TYR B 148 -7.34 1.80 25.82
CA TYR B 148 -6.64 2.66 24.89
C TYR B 148 -6.61 4.09 25.42
N PRO B 149 -5.56 4.88 25.08
CA PRO B 149 -5.42 6.24 25.61
C PRO B 149 -6.33 7.27 24.95
N ASN B 150 -7.60 6.92 24.81
CA ASN B 150 -8.62 7.85 24.35
C ASN B 150 -9.88 7.81 25.18
N GLU B 151 -9.96 6.94 26.18
CA GLU B 151 -11.11 6.87 27.08
C GLU B 151 -10.79 7.28 28.50
N ILE B 152 -9.51 7.33 28.88
CA ILE B 152 -9.10 7.68 30.24
C ILE B 152 -9.11 9.19 30.41
N SER B 153 -9.00 9.64 31.66
CA SER B 153 -9.10 11.06 31.98
C SER B 153 -7.79 11.78 31.63
N GLY B 154 -7.68 13.03 32.04
CA GLY B 154 -6.54 13.85 31.68
C GLY B 154 -5.27 13.55 32.46
N GLY B 155 -5.37 13.51 33.79
CA GLY B 155 -4.19 13.28 34.61
C GLY B 155 -3.62 11.89 34.48
N GLN B 156 -4.44 10.90 34.11
CA GLN B 156 -3.95 9.54 33.97
C GLN B 156 -2.99 9.42 32.80
N LYS B 157 -3.19 10.20 31.73
CA LYS B 157 -2.23 10.19 30.63
C LYS B 157 -0.88 10.71 31.06
N GLN B 158 -0.85 11.82 31.83
CA GLN B 158 0.40 12.34 32.34
C GLN B 158 1.06 11.34 33.29
N ARG B 159 0.24 10.65 34.10
CA ARG B 159 0.80 9.66 35.01
C ARG B 159 1.41 8.49 34.24
N THR B 160 0.77 8.07 33.15
CA THR B 160 1.35 7.02 32.31
C THR B 160 2.65 7.50 31.67
N SER B 161 2.70 8.76 31.25
CA SER B 161 3.95 9.30 30.71
C SER B 161 5.06 9.27 31.76
N ALA B 162 4.74 9.65 32.99
CA ALA B 162 5.72 9.59 34.07
C ALA B 162 6.16 8.15 34.33
N GLY B 163 5.22 7.21 34.30
CA GLY B 163 5.58 5.81 34.46
C GLY B 163 6.51 5.32 33.36
N ARG B 164 6.25 5.75 32.12
CA ARG B 164 7.17 5.42 31.03
C ARG B 164 8.55 6.00 31.28
N ALA B 165 8.61 7.24 31.79
CA ALA B 165 9.88 7.85 32.10
C ALA B 165 10.59 7.19 33.28
N PHE B 166 9.85 6.45 34.11
CA PHE B 166 10.41 5.84 35.31
C PHE B 166 10.69 4.35 35.15
N ILE B 167 10.65 3.81 33.93
CA ILE B 167 10.77 2.36 33.76
C ILE B 167 12.22 1.92 33.87
N HIS B 168 13.10 2.45 33.03
CA HIS B 168 14.46 1.92 32.90
C HIS B 168 15.41 2.43 33.97
N ASP B 169 14.90 3.04 35.04
CA ASP B 169 15.72 3.53 36.15
C ASP B 169 16.83 4.44 35.65
N PRO B 170 16.51 5.65 35.19
CA PRO B 170 17.54 6.55 34.67
C PRO B 170 18.23 7.30 35.79
N SER B 171 19.30 8.01 35.40
CA SER B 171 20.08 8.77 36.37
C SER B 171 19.43 10.11 36.68
N ILE B 172 19.09 10.88 35.66
CA ILE B 172 18.54 12.22 35.81
C ILE B 172 17.26 12.30 35.00
N ILE B 173 16.20 12.86 35.59
CA ILE B 173 14.91 13.03 34.93
C ILE B 173 14.65 14.52 34.79
N PHE B 174 14.42 14.96 33.55
CA PHE B 174 14.14 16.36 33.26
C PHE B 174 12.65 16.52 33.00
N ALA B 175 12.02 17.42 33.76
CA ALA B 175 10.60 17.72 33.61
C ALA B 175 10.45 19.16 33.13
N ASP B 176 9.70 19.34 32.05
CA ASP B 176 9.50 20.64 31.42
C ASP B 176 8.01 20.96 31.56
N GLU B 177 7.65 21.60 32.67
CA GLU B 177 6.29 22.05 32.96
C GLU B 177 5.31 20.89 32.92
N PRO B 178 5.36 19.97 33.88
CA PRO B 178 4.37 18.87 33.88
C PRO B 178 2.95 19.36 34.12
N THR B 179 2.73 20.13 35.18
CA THR B 179 1.40 20.64 35.51
C THR B 179 1.15 21.91 34.72
N GLY B 180 0.79 21.73 33.45
CA GLY B 180 0.51 22.86 32.58
C GLY B 180 -0.91 22.90 32.06
N ALA B 181 -1.55 21.74 31.94
CA ALA B 181 -2.89 21.62 31.41
C ALA B 181 -3.74 20.72 32.29
N LEU B 182 -3.60 20.84 33.59
CA LEU B 182 -4.32 20.01 34.55
C LEU B 182 -4.93 20.89 35.63
N ASP B 183 -5.98 20.38 36.26
CA ASP B 183 -6.62 21.07 37.36
C ASP B 183 -5.79 20.93 38.62
N SER B 184 -6.31 21.45 39.74
CA SER B 184 -5.55 21.47 40.98
C SER B 184 -5.39 20.07 41.57
N LYS B 185 -6.48 19.29 41.60
CA LYS B 185 -6.44 17.99 42.25
C LYS B 185 -5.50 17.03 41.52
N SER B 186 -5.60 16.96 40.19
CA SER B 186 -4.74 16.06 39.43
C SER B 186 -3.28 16.47 39.54
N ALA B 187 -3.00 17.78 39.47
CA ALA B 187 -1.64 18.25 39.60
C ALA B 187 -1.06 17.92 40.97
N SER B 188 -1.86 18.12 42.03
CA SER B 188 -1.39 17.80 43.38
C SER B 188 -1.14 16.30 43.53
N ASP B 189 -2.03 15.47 42.99
CA ASP B 189 -1.83 14.02 43.07
C ASP B 189 -0.56 13.60 42.33
N LEU B 190 -0.36 14.16 41.13
CA LEU B 190 0.84 13.81 40.35
C LEU B 190 2.11 14.26 41.08
N LEU B 191 2.09 15.45 41.67
CA LEU B 191 3.26 15.92 42.40
C LEU B 191 3.54 15.04 43.62
N ASN B 192 2.48 14.64 44.33
CA ASN B 192 2.67 13.76 45.49
C ASN B 192 3.24 12.42 45.08
N LYS B 193 2.74 11.86 43.97
CA LYS B 193 3.25 10.58 43.49
C LYS B 193 4.71 10.70 43.05
N LEU B 194 5.07 11.82 42.40
CA LEU B 194 6.46 12.03 42.02
C LEU B 194 7.35 12.14 43.25
N SER B 195 6.88 12.84 44.28
CA SER B 195 7.65 12.94 45.52
C SER B 195 7.83 11.58 46.17
N GLN B 196 6.77 10.77 46.18
CA GLN B 196 6.88 9.42 46.74
C GLN B 196 7.88 8.57 45.96
N LEU B 197 7.85 8.66 44.63
CA LEU B 197 8.80 7.91 43.82
C LEU B 197 10.23 8.38 44.07
N ASN B 198 10.42 9.69 44.23
CA ASN B 198 11.74 10.22 44.55
C ASN B 198 12.22 9.69 45.90
N GLN B 199 11.35 9.68 46.90
CA GLN B 199 11.74 9.22 48.23
C GLN B 199 11.94 7.71 48.29
N LYS B 200 11.32 6.96 47.39
CA LYS B 200 11.48 5.50 47.41
C LYS B 200 12.82 5.09 46.79
N ARG B 201 13.03 5.42 45.53
CA ARG B 201 14.27 5.10 44.83
C ARG B 201 15.04 6.38 44.53
N ASN B 202 16.35 6.34 44.73
CA ASN B 202 17.19 7.51 44.54
C ASN B 202 17.25 7.86 43.05
N ALA B 203 16.55 8.93 42.67
CA ALA B 203 16.52 9.39 41.28
C ALA B 203 16.35 10.89 41.27
N THR B 204 17.35 11.61 40.76
CA THR B 204 17.28 13.06 40.70
C THR B 204 16.20 13.50 39.72
N ILE B 205 15.42 14.50 40.12
CA ILE B 205 14.35 15.05 39.28
C ILE B 205 14.52 16.56 39.22
N ILE B 206 14.51 17.09 38.00
CA ILE B 206 14.62 18.53 37.76
C ILE B 206 13.36 18.98 37.04
N MET B 207 12.70 20.02 37.58
CA MET B 207 11.44 20.50 37.04
C MET B 207 11.50 22.00 36.81
N VAL B 208 10.91 22.44 35.70
CA VAL B 208 10.77 23.85 35.38
C VAL B 208 9.27 24.16 35.40
N THR B 209 8.86 25.08 36.28
CA THR B 209 7.44 25.32 36.46
C THR B 209 7.21 26.80 36.79
N HIS B 210 5.98 27.25 36.55
CA HIS B 210 5.54 28.59 36.87
C HIS B 210 4.59 28.65 38.04
N ASP B 211 4.30 27.52 38.68
CA ASP B 211 3.29 27.44 39.73
C ASP B 211 3.96 27.32 41.08
N PRO B 212 3.71 28.24 42.01
CA PRO B 212 4.34 28.14 43.34
C PRO B 212 4.01 26.86 44.09
N VAL B 213 2.81 26.31 43.90
CA VAL B 213 2.46 25.06 44.56
C VAL B 213 3.37 23.94 44.09
N ALA B 214 3.70 23.92 42.79
CA ALA B 214 4.63 22.92 42.27
C ALA B 214 6.01 23.06 42.90
N ALA B 215 6.48 24.30 43.06
CA ALA B 215 7.78 24.53 43.68
C ALA B 215 7.76 24.26 45.18
N SER B 216 6.57 24.23 45.79
CA SER B 216 6.47 23.96 47.22
C SER B 216 6.98 22.56 47.56
N TYR B 217 6.63 21.57 46.74
CA TYR B 217 7.07 20.20 46.99
C TYR B 217 8.57 20.01 46.80
N CYS B 218 9.26 20.96 46.18
CA CYS B 218 10.67 20.80 45.88
C CYS B 218 11.52 21.16 47.10
N GLY B 219 12.76 20.69 47.08
CA GLY B 219 13.70 20.96 48.15
C GLY B 219 14.52 22.22 47.91
N ARG B 220 14.89 22.45 46.65
CA ARG B 220 15.64 23.63 46.26
C ARG B 220 14.99 24.27 45.04
N VAL B 221 15.12 25.60 44.96
CA VAL B 221 14.58 26.35 43.84
C VAL B 221 15.60 27.41 43.43
N ILE B 222 15.76 27.62 42.14
CA ILE B 222 16.68 28.61 41.59
C ILE B 222 15.86 29.66 40.86
N PHE B 223 16.03 30.92 41.26
CA PHE B 223 15.29 32.03 40.68
C PHE B 223 16.15 32.67 39.59
N ILE B 224 16.02 32.13 38.37
CA ILE B 224 16.77 32.66 37.24
C ILE B 224 16.27 34.07 36.91
N LYS B 225 17.20 34.90 36.44
CA LYS B 225 16.87 36.30 36.11
C LYS B 225 17.75 36.71 34.92
N ASP B 226 17.18 36.67 33.73
CA ASP B 226 17.84 37.03 32.47
C ASP B 226 19.28 36.52 32.42
N GLY B 227 19.45 35.24 32.76
CA GLY B 227 20.76 34.62 32.72
C GLY B 227 21.64 34.88 33.92
N GLN B 228 21.07 35.18 35.08
CA GLN B 228 21.83 35.41 36.30
C GLN B 228 21.36 34.42 37.38
N MET B 229 21.90 34.57 38.58
CA MET B 229 21.65 33.65 39.67
C MET B 229 20.61 34.17 40.65
N TYR B 230 20.85 35.34 41.24
CA TYR B 230 20.00 35.89 42.30
C TYR B 230 19.83 34.88 43.43
N THR B 231 20.93 34.19 43.75
CA THR B 231 20.99 33.18 44.81
C THR B 231 19.94 32.09 44.62
N GLN B 232 19.67 31.33 45.67
CA GLN B 232 18.67 30.28 45.63
C GLN B 232 18.22 29.97 47.05
N LEU B 233 17.07 29.32 47.16
CA LEU B 233 16.56 28.89 48.46
C LEU B 233 17.05 27.48 48.78
N ASN B 234 16.89 27.08 50.04
CA ASN B 234 17.36 25.78 50.50
C ASN B 234 16.32 24.95 51.23
N LYS B 235 15.27 25.57 51.79
CA LYS B 235 14.24 24.85 52.51
C LYS B 235 14.83 24.04 53.67
N GLY B 236 15.10 22.76 53.44
CA GLY B 236 15.64 21.93 54.49
C GLY B 236 14.61 21.69 55.57
N GLY B 237 15.01 21.91 56.83
CA GLY B 237 14.10 21.75 57.94
C GLY B 237 13.10 22.89 58.04
N GLN B 238 12.22 22.99 57.07
CA GLN B 238 11.24 24.07 56.99
C GLN B 238 9.87 23.49 56.68
N ASP B 239 8.83 24.12 57.22
CA ASP B 239 7.47 23.67 56.98
C ASP B 239 7.06 23.96 55.54
N ARG B 240 6.10 23.17 55.06
CA ARG B 240 5.64 23.31 53.67
C ARG B 240 4.98 24.67 53.45
N GLN B 241 4.03 25.03 54.32
CA GLN B 241 3.31 26.29 54.14
C GLN B 241 4.23 27.49 54.29
N THR B 242 5.11 27.46 55.29
CA THR B 242 6.05 28.57 55.49
C THR B 242 6.97 28.72 54.30
N PHE B 243 7.45 27.61 53.75
CA PHE B 243 8.24 27.68 52.52
C PHE B 243 7.42 28.23 51.36
N PHE B 244 6.12 27.91 51.32
CA PHE B 244 5.26 28.45 50.27
C PHE B 244 5.17 29.97 50.37
N GLN B 245 4.96 30.50 51.57
CA GLN B 245 4.93 31.96 51.71
C GLN B 245 6.29 32.57 51.44
N ASP B 246 7.38 31.88 51.80
CA ASP B 246 8.71 32.40 51.49
C ASP B 246 8.92 32.52 49.98
N ILE B 247 8.52 31.49 49.23
CA ILE B 247 8.64 31.54 47.77
C ILE B 247 7.75 32.62 47.20
N MET B 248 6.55 32.79 47.75
CA MET B 248 5.65 33.85 47.29
C MET B 248 6.28 35.22 47.51
N LYS B 249 6.90 35.43 48.68
CA LYS B 249 7.57 36.69 48.96
C LYS B 249 8.75 36.92 48.01
N THR B 250 9.53 35.87 47.77
CA THR B 250 10.67 36.00 46.86
C THR B 250 10.23 36.35 45.46
N GLN B 251 9.14 35.73 44.98
CA GLN B 251 8.61 36.09 43.67
C GLN B 251 8.04 37.50 43.67
N GLY B 252 7.41 37.92 44.76
CA GLY B 252 6.91 39.28 44.85
C GLY B 252 8.02 40.32 44.80
N VAL B 253 9.20 39.96 45.33
CA VAL B 253 10.35 40.86 45.19
C VAL B 253 10.69 41.07 43.71
N LEU B 254 10.65 39.99 42.93
CA LEU B 254 10.84 40.09 41.49
C LEU B 254 9.65 40.80 40.83
N ILE C 11 -20.59 42.24 16.36
CA ILE C 11 -21.14 42.87 15.16
C ILE C 11 -22.35 42.09 14.65
N LEU C 12 -22.16 40.80 14.43
CA LEU C 12 -23.23 39.96 13.91
C LEU C 12 -24.27 39.70 15.00
N GLU C 13 -25.50 39.44 14.55
CA GLU C 13 -26.60 39.09 15.44
C GLU C 13 -27.23 37.79 14.96
N ALA C 14 -27.38 36.84 15.87
CA ALA C 14 -27.96 35.54 15.57
C ALA C 14 -29.31 35.44 16.28
N ASN C 15 -30.37 35.21 15.50
CA ASN C 15 -31.73 35.13 16.03
C ASN C 15 -32.42 33.93 15.40
N LYS C 16 -32.78 32.95 16.23
CA LYS C 16 -33.50 31.75 15.78
C LYS C 16 -32.75 31.03 14.65
N ILE C 17 -31.43 30.97 14.78
CA ILE C 17 -30.61 30.32 13.76
C ILE C 17 -30.91 28.83 13.73
N ARG C 18 -31.48 28.37 12.61
CA ARG C 18 -31.87 26.99 12.44
C ARG C 18 -31.39 26.49 11.09
N LYS C 19 -31.01 25.21 11.04
CA LYS C 19 -30.58 24.57 9.80
C LYS C 19 -31.48 23.38 9.51
N SER C 20 -31.84 23.21 8.24
CA SER C 20 -32.74 22.15 7.82
C SER C 20 -31.98 20.97 7.23
N TYR C 21 -32.66 19.83 7.19
CA TYR C 21 -32.13 18.58 6.66
C TYR C 21 -33.31 17.80 6.08
N GLY C 22 -33.14 16.49 5.93
CA GLY C 22 -34.20 15.70 5.36
C GLY C 22 -33.82 14.83 4.18
N ASN C 23 -32.54 14.42 4.12
CA ASN C 23 -32.13 13.40 3.17
C ASN C 23 -33.00 12.16 3.35
N LYS C 24 -33.47 11.62 2.21
CA LYS C 24 -34.53 10.60 2.16
C LYS C 24 -35.58 10.80 3.25
N LEU C 25 -35.71 9.83 4.16
CA LEU C 25 -36.76 9.90 5.17
C LEU C 25 -36.35 10.76 6.36
N ASN C 26 -35.26 10.40 7.02
CA ASN C 26 -34.89 11.05 8.28
C ASN C 26 -34.45 12.49 8.04
N LYS C 27 -34.89 13.37 8.95
CA LYS C 27 -34.49 14.77 8.96
C LYS C 27 -33.84 15.09 10.30
N GLN C 28 -32.69 15.76 10.26
CA GLN C 28 -31.93 16.09 11.46
C GLN C 28 -32.09 17.58 11.76
N GLU C 29 -32.57 17.89 12.97
CA GLU C 29 -32.65 19.27 13.43
C GLU C 29 -31.51 19.51 14.42
N VAL C 30 -30.33 19.80 13.86
CA VAL C 30 -29.15 20.00 14.68
C VAL C 30 -29.24 21.31 15.45
N LEU C 31 -29.66 22.38 14.78
CA LEU C 31 -29.75 23.70 15.38
C LEU C 31 -31.21 24.07 15.56
N LYS C 32 -31.59 24.45 16.77
CA LYS C 32 -32.97 24.76 17.12
C LYS C 32 -33.10 26.20 17.62
N GLY C 33 -32.43 27.13 16.95
CA GLY C 33 -32.52 28.53 17.32
C GLY C 33 -31.49 28.95 18.34
N ILE C 34 -30.75 30.01 18.04
CA ILE C 34 -29.72 30.52 18.94
C ILE C 34 -29.89 32.01 19.09
N ASP C 35 -29.39 32.55 20.22
CA ASP C 35 -29.43 33.98 20.51
C ASP C 35 -28.01 34.39 20.89
N ILE C 36 -27.23 34.79 19.88
CA ILE C 36 -25.84 35.18 20.07
C ILE C 36 -25.72 36.67 19.78
N HIS C 37 -25.26 37.42 20.78
CA HIS C 37 -25.06 38.86 20.67
C HIS C 37 -23.58 39.15 20.85
N ILE C 38 -22.92 39.58 19.78
CA ILE C 38 -21.49 39.84 19.78
C ILE C 38 -21.26 41.28 19.34
N GLU C 39 -20.49 42.02 20.12
CA GLU C 39 -20.19 43.41 19.84
C GLU C 39 -18.98 43.49 18.91
N LYS C 40 -18.42 44.69 18.76
CA LYS C 40 -17.31 44.92 17.84
C LYS C 40 -16.00 44.97 18.62
N GLY C 41 -15.05 44.13 18.23
CA GLY C 41 -13.70 44.19 18.79
C GLY C 41 -13.53 43.47 20.11
N GLU C 42 -13.84 42.17 20.15
CA GLU C 42 -13.57 41.37 21.34
C GLU C 42 -13.31 39.94 20.90
N PHE C 43 -12.66 39.18 21.79
CA PHE C 43 -12.30 37.79 21.54
C PHE C 43 -13.39 36.89 22.12
N VAL C 44 -14.02 36.11 21.26
CA VAL C 44 -15.14 35.26 21.64
C VAL C 44 -14.81 33.82 21.27
N SER C 45 -15.02 32.90 22.22
CA SER C 45 -14.80 31.48 22.00
C SER C 45 -16.08 30.72 22.31
N ILE C 46 -16.39 29.73 21.48
CA ILE C 46 -17.58 28.90 21.62
C ILE C 46 -17.11 27.47 21.90
N MET C 47 -17.38 26.99 23.11
CA MET C 47 -17.03 25.63 23.50
C MET C 47 -18.14 24.67 23.08
N GLY C 48 -18.07 23.44 23.56
CA GLY C 48 -19.07 22.44 23.23
C GLY C 48 -18.55 21.04 23.49
N ALA C 49 -19.08 20.09 22.73
CA ALA C 49 -18.69 18.70 22.85
C ALA C 49 -18.96 18.00 21.53
N SER C 50 -18.42 16.78 21.40
CA SER C 50 -18.63 16.00 20.19
C SER C 50 -20.11 15.68 20.01
N GLY C 51 -20.57 15.73 18.76
CA GLY C 51 -21.97 15.50 18.47
C GLY C 51 -22.86 16.73 18.60
N SER C 52 -22.28 17.91 18.78
CA SER C 52 -23.06 19.14 18.90
C SER C 52 -23.29 19.83 17.56
N GLY C 53 -22.75 19.29 16.47
CA GLY C 53 -22.93 19.89 15.16
C GLY C 53 -22.30 21.26 15.03
N LYS C 54 -21.10 21.45 15.55
CA LYS C 54 -20.44 22.75 15.45
C LYS C 54 -20.07 23.08 14.01
N THR C 55 -19.76 22.08 13.19
CA THR C 55 -19.47 22.32 11.79
C THR C 55 -20.68 22.90 11.06
N THR C 56 -21.87 22.38 11.37
CA THR C 56 -23.09 22.92 10.77
C THR C 56 -23.33 24.36 11.21
N LEU C 57 -23.07 24.65 12.49
CA LEU C 57 -23.20 26.02 12.98
C LEU C 57 -22.23 26.96 12.26
N LEU C 58 -20.99 26.51 12.06
CA LEU C 58 -20.01 27.31 11.33
C LEU C 58 -20.46 27.54 9.89
N ASN C 59 -20.99 26.50 9.24
CA ASN C 59 -21.47 26.63 7.88
C ASN C 59 -22.62 27.62 7.80
N VAL C 60 -23.52 27.59 8.78
CA VAL C 60 -24.67 28.50 8.77
C VAL C 60 -24.20 29.94 8.99
N LEU C 61 -23.33 30.17 9.98
CA LEU C 61 -22.92 31.54 10.27
C LEU C 61 -21.97 32.10 9.23
N SER C 62 -21.17 31.25 8.59
CA SER C 62 -20.23 31.71 7.57
C SER C 62 -20.88 31.90 6.20
N SER C 63 -22.19 31.67 6.09
CA SER C 63 -22.96 31.83 4.86
C SER C 63 -22.53 30.85 3.76
N ILE C 64 -21.65 29.91 4.08
CA ILE C 64 -21.26 28.90 3.10
C ILE C 64 -22.45 27.99 2.81
N ASP C 65 -23.14 27.55 3.85
CA ASP C 65 -24.35 26.74 3.72
C ASP C 65 -25.56 27.65 3.80
N GLN C 66 -26.48 27.49 2.86
CA GLN C 66 -27.65 28.36 2.81
C GLN C 66 -28.51 28.16 4.05
N VAL C 67 -28.91 29.27 4.67
CA VAL C 67 -29.71 29.20 5.89
C VAL C 67 -31.14 28.79 5.55
N SER C 68 -31.81 28.21 6.54
CA SER C 68 -33.18 27.76 6.39
C SER C 68 -34.18 28.56 7.22
N HIS C 69 -33.86 28.85 8.48
CA HIS C 69 -34.73 29.62 9.34
C HIS C 69 -33.89 30.60 10.15
N GLY C 70 -34.55 31.67 10.59
CA GLY C 70 -33.90 32.70 11.37
C GLY C 70 -33.29 33.79 10.50
N THR C 71 -32.82 34.84 11.17
CA THR C 71 -32.23 36.00 10.52
C THR C 71 -30.81 36.20 11.01
N ILE C 72 -29.88 36.36 10.08
CA ILE C 72 -28.48 36.64 10.38
C ILE C 72 -28.10 37.95 9.71
N HIS C 73 -27.53 38.87 10.49
CA HIS C 73 -27.14 40.19 10.01
C HIS C 73 -25.63 40.34 10.11
N ILE C 74 -24.98 40.65 9.00
CA ILE C 74 -23.55 40.87 8.95
C ILE C 74 -23.31 42.35 8.74
N ASN C 75 -22.76 43.02 9.77
CA ASN C 75 -22.51 44.45 9.74
C ASN C 75 -23.79 45.24 9.41
N GLY C 76 -24.91 44.77 9.96
CA GLY C 76 -26.19 45.43 9.75
C GLY C 76 -26.90 45.03 8.47
N ASN C 77 -26.38 44.07 7.71
CA ASN C 77 -26.98 43.65 6.46
C ASN C 77 -27.39 42.19 6.57
N ASP C 78 -28.64 41.90 6.22
CA ASP C 78 -29.14 40.54 6.23
C ASP C 78 -28.48 39.73 5.11
N MET C 79 -28.09 38.50 5.43
CA MET C 79 -27.41 37.65 4.46
C MET C 79 -28.30 37.35 3.26
N THR C 80 -29.57 37.03 3.51
CA THR C 80 -30.47 36.61 2.45
C THR C 80 -30.83 37.73 1.48
N ALA C 81 -30.47 38.97 1.79
CA ALA C 81 -30.85 40.12 0.96
C ALA C 81 -30.15 40.15 -0.40
N MET C 82 -29.08 39.38 -0.58
CA MET C 82 -28.35 39.36 -1.84
C MET C 82 -28.37 37.97 -2.46
N LYS C 83 -27.99 37.91 -3.74
CA LYS C 83 -28.00 36.67 -4.50
C LYS C 83 -26.70 35.92 -4.27
N GLU C 84 -26.49 34.83 -5.03
CA GLU C 84 -25.32 33.98 -4.82
C GLU C 84 -24.03 34.69 -5.18
N LYS C 85 -23.97 35.32 -6.36
CA LYS C 85 -22.76 36.04 -6.75
C LYS C 85 -22.51 37.23 -5.83
N GLN C 86 -23.57 37.95 -5.46
CA GLN C 86 -23.42 39.05 -4.51
C GLN C 86 -22.99 38.54 -3.15
N LEU C 87 -23.49 37.38 -2.75
CA LEU C 87 -23.04 36.78 -1.49
C LEU C 87 -21.55 36.47 -1.53
N ALA C 88 -21.08 35.89 -2.65
CA ALA C 88 -19.66 35.60 -2.78
C ALA C 88 -18.83 36.87 -2.75
N GLU C 89 -19.30 37.92 -3.44
CA GLU C 89 -18.56 39.17 -3.44
C GLU C 89 -18.50 39.78 -2.05
N PHE C 90 -19.62 39.76 -1.31
CA PHE C 90 -19.62 40.29 0.05
C PHE C 90 -18.72 39.48 0.97
N ARG C 91 -18.73 38.16 0.83
CA ARG C 91 -17.85 37.32 1.64
C ARG C 91 -16.38 37.62 1.35
N LYS C 92 -16.04 37.80 0.07
CA LYS C 92 -14.68 38.17 -0.28
C LYS C 92 -14.31 39.52 0.29
N GLN C 93 -15.24 40.48 0.27
CA GLN C 93 -14.95 41.83 0.72
C GLN C 93 -14.88 41.95 2.24
N HIS C 94 -15.58 41.10 2.99
CA HIS C 94 -15.69 41.32 4.44
C HIS C 94 -15.47 40.07 5.30
N LEU C 95 -14.94 38.98 4.75
CA LEU C 95 -14.73 37.76 5.53
C LEU C 95 -13.37 37.16 5.24
N GLY C 96 -12.79 36.55 6.28
CA GLY C 96 -11.59 35.75 6.15
C GLY C 96 -11.83 34.36 6.71
N PHE C 97 -10.75 33.56 6.70
CA PHE C 97 -10.87 32.18 7.14
C PHE C 97 -9.53 31.69 7.68
N ILE C 98 -9.59 30.92 8.77
CA ILE C 98 -8.46 30.20 9.33
C ILE C 98 -8.92 28.77 9.57
N PHE C 99 -8.14 27.80 9.09
CA PHE C 99 -8.54 26.40 9.11
C PHE C 99 -7.67 25.59 10.05
N GLN C 100 -8.15 24.40 10.39
CA GLN C 100 -7.37 23.49 11.22
C GLN C 100 -6.11 23.02 10.50
N ASP C 101 -6.23 22.69 9.22
CA ASP C 101 -5.10 22.21 8.44
C ASP C 101 -4.26 23.40 7.95
N TYR C 102 -3.10 23.07 7.38
CA TYR C 102 -2.18 24.05 6.82
C TYR C 102 -2.33 24.14 5.31
N ASN C 103 -3.57 24.07 4.80
CA ASN C 103 -3.79 23.99 3.36
C ASN C 103 -3.22 25.20 2.64
N LEU C 104 -2.11 24.97 1.93
CA LEU C 104 -1.36 26.02 1.26
C LEU C 104 -0.91 25.48 -0.10
N LEU C 105 -0.48 26.39 -0.96
CA LEU C 105 0.11 26.03 -2.24
C LEU C 105 1.57 25.65 -1.99
N ASP C 106 1.90 24.37 -2.15
CA ASP C 106 3.25 23.90 -1.90
C ASP C 106 4.23 24.55 -2.86
N THR C 107 3.82 24.75 -4.11
CA THR C 107 4.70 25.28 -5.15
C THR C 107 4.64 26.80 -5.25
N LEU C 108 4.34 27.49 -4.15
CA LEU C 108 4.33 28.95 -4.13
C LEU C 108 5.06 29.44 -2.89
N THR C 109 5.82 30.52 -3.05
CA THR C 109 6.58 31.09 -1.95
C THR C 109 5.64 31.71 -0.91
N VAL C 110 6.20 32.00 0.26
CA VAL C 110 5.40 32.53 1.36
C VAL C 110 4.80 33.89 1.00
N LYS C 111 5.61 34.77 0.40
CA LYS C 111 5.11 36.09 0.02
C LYS C 111 4.00 35.97 -1.02
N GLU C 112 4.22 35.14 -2.05
CA GLU C 112 3.20 34.95 -3.07
C GLU C 112 1.96 34.25 -2.50
N ASN C 113 2.16 33.29 -1.60
CA ASN C 113 1.03 32.59 -1.01
C ASN C 113 0.18 33.54 -0.16
N ILE C 114 0.82 34.48 0.54
CA ILE C 114 0.07 35.46 1.31
C ILE C 114 -0.64 36.45 0.38
N LEU C 115 0.04 36.89 -0.68
CA LEU C 115 -0.49 37.92 -1.55
C LEU C 115 -1.48 37.41 -2.59
N LEU C 116 -1.63 36.09 -2.73
CA LEU C 116 -2.50 35.54 -3.76
C LEU C 116 -3.95 36.04 -3.69
N PRO C 117 -4.62 36.10 -2.54
CA PRO C 117 -6.01 36.59 -2.54
C PRO C 117 -6.14 38.05 -2.93
N LEU C 118 -5.05 38.83 -2.86
CA LEU C 118 -5.13 40.27 -3.10
C LEU C 118 -4.88 40.65 -4.56
N SER C 119 -4.16 39.81 -5.32
CA SER C 119 -3.79 40.15 -6.68
C SER C 119 -4.96 40.08 -7.65
N ILE C 120 -6.08 39.47 -7.27
CA ILE C 120 -7.18 39.27 -8.21
C ILE C 120 -7.87 40.59 -8.54
N THR C 121 -8.12 41.42 -7.53
CA THR C 121 -8.98 42.59 -7.69
C THR C 121 -8.23 43.83 -8.19
N LYS C 122 -7.43 43.64 -9.24
CA LYS C 122 -6.80 44.72 -10.01
C LYS C 122 -6.19 45.79 -9.10
N LEU C 123 -5.20 45.37 -8.32
CA LEU C 123 -4.54 46.26 -7.36
C LEU C 123 -3.07 46.42 -7.73
N SER C 124 -2.56 47.64 -7.56
CA SER C 124 -1.17 47.92 -7.90
C SER C 124 -0.23 47.24 -6.92
N LYS C 125 1.03 47.06 -7.35
CA LYS C 125 1.98 46.29 -6.56
C LYS C 125 2.50 47.06 -5.36
N LYS C 126 2.52 48.40 -5.41
CA LYS C 126 3.13 49.17 -4.35
C LYS C 126 2.36 49.04 -3.04
N GLU C 127 1.04 49.26 -3.08
CA GLU C 127 0.25 49.14 -1.86
C GLU C 127 0.15 47.70 -1.40
N ALA C 128 0.16 46.74 -2.33
CA ALA C 128 0.20 45.33 -1.93
C ALA C 128 1.48 45.01 -1.17
N ASN C 129 2.62 45.52 -1.65
CA ASN C 129 3.88 45.32 -0.95
C ASN C 129 3.86 46.00 0.42
N ARG C 130 3.29 47.20 0.50
CA ARG C 130 3.18 47.89 1.78
C ARG C 130 2.34 47.08 2.77
N LYS C 131 1.20 46.56 2.30
CA LYS C 131 0.33 45.75 3.16
C LYS C 131 1.04 44.49 3.61
N PHE C 132 1.77 43.83 2.71
CA PHE C 132 2.51 42.63 3.09
C PHE C 132 3.59 42.97 4.12
N GLU C 133 4.29 44.08 3.94
CA GLU C 133 5.30 44.49 4.91
C GLU C 133 4.67 44.72 6.27
N GLU C 134 3.54 45.43 6.31
CA GLU C 134 2.88 45.71 7.58
C GLU C 134 2.43 44.43 8.27
N VAL C 135 1.81 43.52 7.52
CA VAL C 135 1.31 42.28 8.10
C VAL C 135 2.46 41.42 8.60
N ALA C 136 3.51 41.27 7.81
CA ALA C 136 4.65 40.44 8.22
C ALA C 136 5.35 41.02 9.44
N LYS C 137 5.48 42.36 9.50
CA LYS C 137 6.10 42.97 10.67
C LYS C 137 5.22 42.82 11.91
N GLU C 138 3.90 42.90 11.74
CA GLU C 138 3.01 42.72 12.89
C GLU C 138 3.05 41.28 13.41
N LEU C 139 3.08 40.31 12.50
CA LEU C 139 3.10 38.91 12.91
C LEU C 139 4.51 38.36 13.12
N GLY C 140 5.55 39.12 12.79
CA GLY C 140 6.90 38.67 13.01
C GLY C 140 7.31 37.47 12.18
N ILE C 141 6.85 37.38 10.94
CA ILE C 141 7.24 36.32 10.03
C ILE C 141 7.89 36.87 8.77
N TYR C 142 8.36 38.12 8.81
CA TYR C 142 8.96 38.74 7.64
C TYR C 142 10.26 38.05 7.24
N GLU C 143 10.93 37.39 8.17
CA GLU C 143 12.19 36.74 7.85
C GLU C 143 12.00 35.63 6.82
N LEU C 144 10.84 34.99 6.82
CA LEU C 144 10.52 33.96 5.83
C LEU C 144 9.81 34.56 4.62
N ARG C 145 10.41 35.62 4.06
CA ARG C 145 9.74 36.35 2.98
C ARG C 145 9.81 35.61 1.65
N ASP C 146 10.93 34.95 1.36
CA ASP C 146 11.13 34.30 0.07
C ASP C 146 11.48 32.82 0.23
N LYS C 147 10.98 32.19 1.27
CA LYS C 147 11.21 30.78 1.51
C LYS C 147 10.10 29.95 0.87
N TYR C 148 10.06 28.67 1.19
CA TYR C 148 9.07 27.74 0.66
C TYR C 148 8.40 27.00 1.81
N PRO C 149 7.18 26.51 1.62
CA PRO C 149 6.49 25.80 2.70
C PRO C 149 6.99 24.39 2.94
N ASN C 150 8.02 23.94 2.22
CA ASN C 150 8.59 22.62 2.42
C ASN C 150 9.78 22.61 3.37
N GLU C 151 10.14 23.76 3.93
CA GLU C 151 11.25 23.88 4.86
C GLU C 151 10.86 24.78 6.02
N ILE C 152 9.62 24.68 6.48
CA ILE C 152 9.06 25.56 7.48
C ILE C 152 8.26 24.74 8.48
N SER C 153 8.42 25.03 9.76
CA SER C 153 7.75 24.27 10.81
C SER C 153 6.25 24.57 10.81
N GLY C 154 5.51 23.81 11.62
CA GLY C 154 4.06 23.94 11.65
C GLY C 154 3.59 25.28 12.17
N GLY C 155 4.24 25.80 13.22
CA GLY C 155 3.82 27.08 13.78
C GLY C 155 3.94 28.22 12.80
N GLN C 156 5.06 28.27 12.06
CA GLN C 156 5.23 29.32 11.07
C GLN C 156 4.25 29.16 9.91
N LYS C 157 3.92 27.92 9.52
CA LYS C 157 2.91 27.73 8.49
C LYS C 157 1.54 28.23 8.95
N GLN C 158 1.18 27.94 10.20
CA GLN C 158 -0.10 28.43 10.72
C GLN C 158 -0.12 29.95 10.81
N ARG C 159 1.01 30.54 11.20
CA ARG C 159 1.09 32.00 11.24
C ARG C 159 1.00 32.60 9.83
N THR C 160 1.58 31.93 8.83
CA THR C 160 1.44 32.38 7.45
C THR C 160 -0.01 32.33 6.99
N SER C 161 -0.71 31.25 7.34
CA SER C 161 -2.14 31.18 7.00
C SER C 161 -2.93 32.28 7.68
N ALA C 162 -2.64 32.55 8.96
CA ALA C 162 -3.32 33.63 9.67
C ALA C 162 -3.03 34.98 9.03
N GLY C 163 -1.78 35.21 8.62
CA GLY C 163 -1.46 36.44 7.92
C GLY C 163 -2.20 36.57 6.60
N ARG C 164 -2.35 35.46 5.87
CA ARG C 164 -3.16 35.48 4.67
C ARG C 164 -4.60 35.84 4.99
N ALA C 165 -5.10 35.41 6.15
CA ALA C 165 -6.47 35.72 6.53
C ALA C 165 -6.68 37.19 6.88
N PHE C 166 -5.61 37.97 7.01
CA PHE C 166 -5.72 39.39 7.37
C PHE C 166 -5.23 40.33 6.27
N ILE C 167 -4.97 39.82 5.05
CA ILE C 167 -4.45 40.69 4.01
C ILE C 167 -5.50 41.71 3.56
N HIS C 168 -6.77 41.34 3.56
CA HIS C 168 -7.87 42.26 3.29
C HIS C 168 -8.79 42.25 4.51
N ASP C 169 -8.67 43.29 5.34
CA ASP C 169 -9.18 43.34 6.71
C ASP C 169 -10.63 42.86 6.84
N PRO C 170 -10.86 41.73 7.48
CA PRO C 170 -12.22 41.27 7.75
C PRO C 170 -12.81 42.05 8.93
N SER C 171 -14.05 41.71 9.28
CA SER C 171 -14.66 42.25 10.49
C SER C 171 -15.31 41.13 11.30
N ILE C 172 -15.75 40.06 10.64
CA ILE C 172 -16.43 38.96 11.31
C ILE C 172 -15.67 37.69 10.96
N ILE C 173 -14.34 37.79 10.88
CA ILE C 173 -13.52 36.65 10.46
C ILE C 173 -13.77 35.46 11.37
N PHE C 174 -13.94 34.30 10.78
CA PHE C 174 -14.12 33.05 11.51
C PHE C 174 -12.78 32.34 11.66
N ALA C 175 -12.77 31.31 12.51
CA ALA C 175 -11.57 30.50 12.72
C ALA C 175 -11.98 29.20 13.37
N ASP C 176 -11.64 28.09 12.73
CA ASP C 176 -11.80 26.77 13.35
C ASP C 176 -10.64 26.57 14.33
N GLU C 177 -10.49 25.35 14.85
CA GLU C 177 -9.46 25.07 15.84
C GLU C 177 -8.07 25.19 15.23
N PRO C 178 -7.28 26.17 15.66
CA PRO C 178 -5.92 26.30 15.11
C PRO C 178 -4.94 25.34 15.79
N THR C 179 -5.20 25.05 17.05
CA THR C 179 -4.30 24.21 17.85
C THR C 179 -4.73 22.74 17.80
N GLY C 180 -4.89 22.21 16.59
CA GLY C 180 -5.23 20.82 16.42
C GLY C 180 -4.02 19.96 16.13
N ALA C 181 -3.11 20.49 15.32
CA ALA C 181 -1.86 19.82 14.97
C ALA C 181 -0.65 20.63 15.42
N LEU C 182 -0.76 21.27 16.58
CA LEU C 182 0.31 22.08 17.13
C LEU C 182 0.65 21.60 18.54
N ASP C 183 1.92 21.74 18.91
CA ASP C 183 2.36 21.43 20.26
C ASP C 183 2.05 22.62 21.17
N SER C 184 2.58 22.58 22.40
CA SER C 184 2.22 23.61 23.38
C SER C 184 2.82 24.97 23.00
N LYS C 185 4.10 25.00 22.65
CA LYS C 185 4.78 26.27 22.43
C LYS C 185 4.25 27.00 21.21
N SER C 186 4.09 26.29 20.09
CA SER C 186 3.59 26.92 18.87
C SER C 186 2.17 27.42 19.06
N ALA C 187 1.31 26.64 19.71
CA ALA C 187 -0.05 27.07 19.98
C ALA C 187 -0.08 28.30 20.87
N SER C 188 0.76 28.32 21.91
CA SER C 188 0.82 29.48 22.78
C SER C 188 1.28 30.71 22.03
N ASP C 189 2.29 30.57 21.18
CA ASP C 189 2.78 31.72 20.41
C ASP C 189 1.71 32.24 19.46
N LEU C 190 1.02 31.33 18.77
CA LEU C 190 -0.02 31.75 17.83
C LEU C 190 -1.18 32.43 18.55
N LEU C 191 -1.61 31.88 19.69
CA LEU C 191 -2.68 32.50 20.45
C LEU C 191 -2.26 33.87 20.97
N ASN C 192 -1.00 34.00 21.43
CA ASN C 192 -0.53 35.29 21.88
C ASN C 192 -0.55 36.31 20.75
N LYS C 193 -0.06 35.93 19.57
CA LYS C 193 -0.03 36.86 18.44
C LYS C 193 -1.45 37.26 18.05
N LEU C 194 -2.38 36.31 18.02
CA LEU C 194 -3.77 36.66 17.75
C LEU C 194 -4.33 37.55 18.86
N SER C 195 -3.81 37.44 20.08
CA SER C 195 -4.27 38.28 21.17
C SER C 195 -3.84 39.74 20.98
N GLN C 196 -2.56 39.99 20.68
CA GLN C 196 -2.22 41.37 20.38
C GLN C 196 -2.79 41.85 19.05
N LEU C 197 -3.17 40.96 18.15
CA LEU C 197 -3.84 41.41 16.94
C LEU C 197 -5.27 41.89 17.19
N ASN C 198 -5.88 41.46 18.30
CA ASN C 198 -7.22 41.94 18.64
C ASN C 198 -7.18 43.36 19.21
N GLN C 199 -6.15 43.68 20.01
CA GLN C 199 -6.04 45.02 20.59
C GLN C 199 -5.76 46.07 19.53
N LYS C 200 -5.39 45.66 18.32
CA LYS C 200 -5.28 46.55 17.18
C LYS C 200 -6.67 46.79 16.60
N ARG C 201 -6.74 47.30 15.37
CA ARG C 201 -8.00 47.56 14.69
C ARG C 201 -9.03 46.46 14.95
N ASN C 202 -10.23 46.88 15.31
CA ASN C 202 -11.25 45.96 15.80
C ASN C 202 -11.63 44.92 14.76
N ALA C 203 -11.78 43.68 15.20
CA ALA C 203 -12.18 42.57 14.33
C ALA C 203 -12.66 41.43 15.19
N THR C 204 -13.85 40.91 14.88
CA THR C 204 -14.40 39.78 15.61
C THR C 204 -13.65 38.51 15.21
N ILE C 205 -13.20 37.76 16.22
CA ILE C 205 -12.25 36.66 16.01
C ILE C 205 -12.88 35.39 16.54
N ILE C 206 -14.19 35.21 16.31
CA ILE C 206 -14.96 34.07 16.80
C ILE C 206 -14.17 32.77 16.65
N MET C 207 -14.04 32.03 17.74
CA MET C 207 -13.15 30.88 17.84
C MET C 207 -13.95 29.70 18.38
N VAL C 208 -13.76 28.53 17.77
CA VAL C 208 -14.68 27.42 17.98
C VAL C 208 -13.89 26.24 18.53
N THR C 209 -12.85 26.52 19.30
CA THR C 209 -12.06 25.45 19.88
C THR C 209 -12.77 24.84 21.09
N HIS C 210 -12.32 23.63 21.45
CA HIS C 210 -12.90 22.89 22.56
C HIS C 210 -11.92 22.61 23.69
N ASP C 211 -10.63 22.83 23.49
CA ASP C 211 -9.67 22.63 24.58
C ASP C 211 -9.58 23.88 25.43
N PRO C 212 -9.74 23.77 26.74
CA PRO C 212 -9.77 24.98 27.58
C PRO C 212 -8.49 25.80 27.54
N VAL C 213 -7.35 25.19 27.21
CA VAL C 213 -6.10 25.93 27.16
C VAL C 213 -6.15 27.01 26.09
N ALA C 214 -6.71 26.67 24.92
CA ALA C 214 -6.85 27.67 23.86
C ALA C 214 -7.83 28.76 24.26
N ALA C 215 -8.91 28.40 24.96
CA ALA C 215 -9.92 29.38 25.35
C ALA C 215 -9.51 30.19 26.57
N SER C 216 -8.39 29.85 27.22
CA SER C 216 -7.93 30.62 28.37
C SER C 216 -7.53 32.03 27.99
N TYR C 217 -7.23 32.29 26.72
CA TYR C 217 -6.85 33.62 26.25
C TYR C 217 -8.05 34.44 25.81
N CYS C 218 -9.27 33.93 25.99
CA CYS C 218 -10.47 34.61 25.53
C CYS C 218 -11.11 35.38 26.67
N GLY C 219 -12.25 36.02 26.39
CA GLY C 219 -12.98 36.75 27.41
C GLY C 219 -14.48 36.63 27.28
N ARG C 220 -14.95 35.88 26.29
CA ARG C 220 -16.37 35.72 26.04
C ARG C 220 -16.69 34.24 25.77
N VAL C 221 -16.21 33.37 26.65
CA VAL C 221 -16.41 31.93 26.47
C VAL C 221 -17.89 31.62 26.56
N ILE C 222 -18.40 30.89 25.55
CA ILE C 222 -19.81 30.53 25.46
C ILE C 222 -19.92 29.02 25.33
N PHE C 223 -20.83 28.42 26.10
CA PHE C 223 -21.04 26.99 26.10
C PHE C 223 -22.28 26.62 25.30
N ILE C 224 -22.26 25.43 24.71
CA ILE C 224 -23.38 24.92 23.93
C ILE C 224 -23.66 23.48 24.37
N LYS C 225 -24.88 23.25 24.87
CA LYS C 225 -25.35 21.90 25.16
C LYS C 225 -26.51 21.53 24.24
N ASP C 226 -27.57 22.33 24.22
CA ASP C 226 -28.58 22.23 23.17
C ASP C 226 -28.51 23.43 22.23
N GLY C 227 -28.73 24.64 22.74
CA GLY C 227 -28.12 25.80 22.10
C GLY C 227 -27.30 26.65 23.05
N GLN C 228 -27.81 26.87 24.27
CA GLN C 228 -27.11 27.66 25.27
C GLN C 228 -27.37 27.18 26.69
N MET C 229 -27.54 25.87 26.90
CA MET C 229 -28.03 25.37 28.18
C MET C 229 -27.12 25.80 29.32
N TYR C 230 -25.81 25.64 29.14
CA TYR C 230 -24.88 26.09 30.17
C TYR C 230 -24.68 27.60 30.10
N THR C 231 -24.17 28.16 31.19
CA THR C 231 -24.01 29.60 31.32
C THR C 231 -22.76 30.04 30.56
N GLN C 232 -22.35 31.30 30.76
CA GLN C 232 -21.21 31.87 30.07
C GLN C 232 -20.34 32.62 31.06
N LEU C 233 -19.07 32.78 30.70
CA LEU C 233 -18.09 33.46 31.52
C LEU C 233 -17.62 34.73 30.82
N ASN C 234 -17.17 35.71 31.62
CA ASN C 234 -16.77 37.00 31.08
C ASN C 234 -15.38 37.44 31.48
N LYS C 235 -14.74 36.78 32.46
CA LYS C 235 -13.39 37.14 32.91
C LYS C 235 -13.33 38.59 33.36
N GLY C 236 -12.57 39.41 32.62
CA GLY C 236 -12.48 40.83 32.93
C GLY C 236 -11.33 41.20 33.83
N GLY C 237 -11.36 40.71 35.08
CA GLY C 237 -10.34 41.07 36.04
C GLY C 237 -9.49 39.90 36.51
N GLN C 238 -9.68 38.73 35.90
CA GLN C 238 -8.93 37.55 36.30
C GLN C 238 -7.52 37.58 35.75
N ASP C 239 -6.71 36.61 36.18
CA ASP C 239 -5.29 36.56 35.87
C ASP C 239 -4.94 35.42 34.91
N ARG C 240 -5.89 35.01 34.08
CA ARG C 240 -5.73 34.00 33.02
C ARG C 240 -5.53 32.59 33.59
N GLN C 241 -5.36 32.45 34.90
CA GLN C 241 -5.21 31.14 35.52
C GLN C 241 -6.44 30.73 36.32
N THR C 242 -6.96 31.64 37.15
CA THR C 242 -8.24 31.38 37.82
C THR C 242 -9.35 31.22 36.78
N PHE C 243 -9.30 32.00 35.71
CA PHE C 243 -10.27 31.86 34.63
C PHE C 243 -10.20 30.46 34.01
N PHE C 244 -8.98 30.00 33.71
CA PHE C 244 -8.81 28.67 33.12
C PHE C 244 -9.29 27.57 34.06
N GLN C 245 -8.99 27.72 35.36
CA GLN C 245 -9.46 26.75 36.33
C GLN C 245 -10.99 26.74 36.41
N ASP C 246 -11.61 27.92 36.32
CA ASP C 246 -13.07 27.99 36.34
C ASP C 246 -13.67 27.30 35.12
N ILE C 247 -13.09 27.52 33.94
CA ILE C 247 -13.58 26.85 32.74
C ILE C 247 -13.43 25.34 32.86
N MET C 248 -12.27 24.89 33.38
CA MET C 248 -12.07 23.46 33.55
C MET C 248 -13.10 22.87 34.51
N LYS C 249 -13.37 23.56 35.63
CA LYS C 249 -14.34 23.05 36.59
C LYS C 249 -15.75 23.00 36.00
N THR C 250 -16.18 24.07 35.35
CA THR C 250 -17.53 24.11 34.80
C THR C 250 -17.69 23.18 33.60
N GLN C 251 -16.61 22.84 32.91
CA GLN C 251 -16.70 21.80 31.88
C GLN C 251 -16.73 20.42 32.51
N GLY C 252 -16.03 20.22 33.62
CA GLY C 252 -16.12 18.97 34.35
C GLY C 252 -17.45 18.75 35.02
N VAL C 253 -18.21 19.82 35.26
CA VAL C 253 -19.56 19.66 35.79
C VAL C 253 -20.43 18.84 34.83
N LEU C 254 -20.32 19.12 33.53
CA LEU C 254 -21.05 18.37 32.52
C LEU C 254 -20.60 16.91 32.52
#